data_6AXL
#
_entry.id   6AXL
#
_cell.length_a   82.663
_cell.length_b   65.342
_cell.length_c   99.043
_cell.angle_alpha   90.00
_cell.angle_beta   106.40
_cell.angle_gamma   90.00
#
_symmetry.space_group_name_H-M   'P 1 21 1'
#
loop_
_entity.id
_entity.type
_entity.pdbx_description
1 polymer 'Fab317 light chains'
2 polymer 'Fab317 heavy chain'
3 polymer 'Peptide ACE-ASN-PRO-ASN-ALA-ASN-PRO-ASN-ALA-ASN-PRO-ASN-ALA-NH2'
4 water water
#
loop_
_entity_poly.entity_id
_entity_poly.type
_entity_poly.pdbx_seq_one_letter_code
_entity_poly.pdbx_strand_id
1 'polypeptide(L)'
;DIQMTQSPSTLSASVGDRVAITCRASQSISRWLAWYQQQPGKAPKLLMSGASVLESGVPSRFSGSGSGTEFTLTISSLQP
DDFATYYCQHYNSYFVTFGQGTKVEIKRTVAAPSVFIFPPSDEQLKSGTASVVCLLNNFYPREAKVQWKVDNALQSGNSQ
ESVTEQDSKDSTYSLSSTLTLSKADYEKHKVYACEVTHQGLSSPVTKSFNRGEC
;
C,B
2 'polypeptide(L)'
;QMQLVESGGGVVQPGRSLRLSCTASGFTFSTYAMHWVRQSPGQGLQWVAVISYHSTNKYYEDSVRGRFTISRDNSKNTLY
LQMNSLRAEDTAVYYCARDGYSSSFFDFWGQGTLVTVSSASTKGPSVFPLAPSSKSTSGGTAALGCLVKDYFPEPVTVSW
NSGALTSGVHTFPAVLQSSGLYSLSSVVTVPSSSLGTQTYICNVNHKPSNTKVDKKVEPKSC
;
D,A
3 'polypeptide(L)' (ACE)NPNANPNANPNA(NH2) G,I
#
loop_
_chem_comp.id
_chem_comp.type
_chem_comp.name
_chem_comp.formula
ACE non-polymer 'ACETYL GROUP' 'C2 H4 O'
NH2 non-polymer 'AMINO GROUP' 'H2 N'
#
# COMPACT_ATOMS: atom_id res chain seq x y z
N ASP A 1 16.65 -6.21 -23.43
CA ASP A 1 17.72 -5.97 -22.41
C ASP A 1 17.85 -4.49 -22.07
N ILE A 2 17.66 -4.17 -20.78
CA ILE A 2 17.93 -2.84 -20.26
C ILE A 2 19.12 -2.96 -19.30
N GLN A 3 20.10 -2.08 -19.49
CA GLN A 3 21.29 -2.06 -18.64
C GLN A 3 21.18 -0.92 -17.64
N MET A 4 21.54 -1.20 -16.40
CA MET A 4 21.52 -0.24 -15.31
C MET A 4 22.95 0.04 -14.87
N THR A 5 23.39 1.29 -15.03
CA THR A 5 24.74 1.70 -14.66
C THR A 5 24.65 2.54 -13.39
N GLN A 6 25.21 2.03 -12.31
CA GLN A 6 25.25 2.74 -11.04
C GLN A 6 26.56 3.51 -10.92
N SER A 7 26.49 4.65 -10.22
CA SER A 7 27.67 5.50 -10.09
C SER A 7 27.61 6.27 -8.77
N PRO A 8 28.72 6.34 -8.01
CA PRO A 8 29.98 5.63 -8.25
C PRO A 8 29.88 4.16 -7.86
N SER A 9 30.94 3.39 -8.10
CA SER A 9 30.95 2.00 -7.66
C SER A 9 31.27 1.90 -6.18
N THR A 10 32.20 2.71 -5.69
CA THR A 10 32.54 2.77 -4.27
C THR A 10 32.52 4.23 -3.83
N LEU A 11 32.26 4.43 -2.54
CA LEU A 11 32.09 5.77 -1.99
C LEU A 11 32.55 5.77 -0.54
N SER A 12 33.52 6.63 -0.23
CA SER A 12 34.02 6.79 1.13
C SER A 12 33.38 8.03 1.73
N ALA A 13 32.65 7.86 2.83
CA ALA A 13 31.89 8.94 3.44
C ALA A 13 32.00 8.86 4.95
N SER A 14 31.51 9.90 5.61
CA SER A 14 31.52 10.00 7.06
C SER A 14 30.10 10.21 7.57
N VAL A 15 29.89 9.84 8.83
CA VAL A 15 28.58 10.04 9.45
C VAL A 15 28.22 11.52 9.38
N GLY A 16 26.96 11.79 9.02
CA GLY A 16 26.48 13.14 8.87
C GLY A 16 26.58 13.72 7.47
N ASP A 17 27.31 13.06 6.58
CA ASP A 17 27.48 13.57 5.22
C ASP A 17 26.23 13.36 4.40
N ARG A 18 26.00 14.27 3.45
CA ARG A 18 24.99 14.05 2.43
C ARG A 18 25.59 13.19 1.32
N VAL A 19 24.88 12.11 0.96
CA VAL A 19 25.37 11.12 0.03
C VAL A 19 24.36 10.98 -1.10
N ALA A 20 24.86 10.98 -2.34
CA ALA A 20 24.02 10.91 -3.52
C ALA A 20 24.55 9.83 -4.45
N ILE A 21 23.74 8.80 -4.67
CA ILE A 21 24.06 7.71 -5.59
C ILE A 21 23.12 7.81 -6.78
N THR A 22 23.68 7.65 -7.97
CA THR A 22 22.92 7.76 -9.21
C THR A 22 22.83 6.40 -9.90
N CYS A 23 21.76 6.22 -10.66
CA CYS A 23 21.52 5.00 -11.42
C CYS A 23 20.97 5.40 -12.78
N ARG A 24 21.67 5.00 -13.84
CA ARG A 24 21.31 5.37 -15.21
C ARG A 24 20.84 4.15 -15.96
N ALA A 25 19.68 4.27 -16.61
CA ALA A 25 19.13 3.21 -17.43
C ALA A 25 19.46 3.45 -18.89
N SER A 26 19.68 2.35 -19.62
CA SER A 26 20.00 2.45 -21.04
C SER A 26 18.83 2.92 -21.88
N GLN A 27 17.64 3.08 -21.31
CA GLN A 27 16.48 3.60 -22.02
C GLN A 27 15.42 3.95 -20.99
N SER A 28 14.39 4.66 -21.45
CA SER A 28 13.37 5.19 -20.56
C SER A 28 12.64 4.07 -19.83
N ILE A 29 12.46 4.24 -18.52
CA ILE A 29 11.74 3.27 -17.70
C ILE A 29 10.76 4.00 -16.79
N SER A 30 10.32 5.19 -17.22
CA SER A 30 9.38 6.02 -16.45
C SER A 30 9.91 6.10 -15.01
N ARG A 31 9.09 5.83 -14.01
CA ARG A 31 9.53 5.81 -12.61
C ARG A 31 9.57 4.39 -12.07
N TRP A 32 9.73 3.41 -12.94
CA TRP A 32 9.72 2.00 -12.53
C TRP A 32 11.12 1.60 -12.07
N LEU A 33 11.53 2.16 -10.94
CA LEU A 33 12.84 1.89 -10.37
C LEU A 33 12.70 1.61 -8.87
N ALA A 34 13.48 0.64 -8.39
CA ALA A 34 13.51 0.26 -6.99
C ALA A 34 14.94 0.30 -6.47
N TRP A 35 15.09 0.68 -5.21
CA TRP A 35 16.39 0.72 -4.54
C TRP A 35 16.42 -0.29 -3.41
N TYR A 36 17.53 -1.01 -3.29
CA TYR A 36 17.71 -2.01 -2.25
C TYR A 36 18.97 -1.72 -1.46
N GLN A 37 18.93 -2.07 -0.17
CA GLN A 37 20.09 -2.03 0.71
C GLN A 37 20.42 -3.45 1.14
N GLN A 38 21.70 -3.80 1.08
CA GLN A 38 22.15 -5.13 1.49
C GLN A 38 23.32 -4.99 2.46
N GLN A 39 23.13 -5.48 3.66
CA GLN A 39 24.23 -5.56 4.62
C GLN A 39 25.02 -6.84 4.39
N PRO A 40 26.30 -6.88 4.76
CA PRO A 40 27.09 -8.09 4.54
C PRO A 40 26.45 -9.31 5.19
N GLY A 41 26.40 -10.41 4.45
CA GLY A 41 25.80 -11.63 4.94
C GLY A 41 24.30 -11.60 5.10
N LYS A 42 23.64 -10.58 4.56
CA LYS A 42 22.19 -10.42 4.71
C LYS A 42 21.53 -10.35 3.34
N ALA A 43 20.27 -10.79 3.29
CA ALA A 43 19.49 -10.65 2.08
C ALA A 43 19.18 -9.17 1.83
N PRO A 44 19.05 -8.77 0.57
CA PRO A 44 18.69 -7.37 0.28
C PRO A 44 17.38 -6.98 0.96
N LYS A 45 17.24 -5.67 1.18
CA LYS A 45 16.05 -5.09 1.79
C LYS A 45 15.57 -3.94 0.92
N LEU A 46 14.30 -4.00 0.52
CA LEU A 46 13.74 -2.95 -0.32
C LEU A 46 13.69 -1.64 0.46
N LEU A 47 14.23 -0.58 -0.13
CA LEU A 47 14.16 0.75 0.46
C LEU A 47 12.98 1.53 -0.09
N MET A 48 12.92 1.68 -1.42
CA MET A 48 11.83 2.42 -2.05
C MET A 48 11.62 1.89 -3.45
N SER A 49 10.43 2.17 -3.98
CA SER A 49 10.06 1.81 -5.34
C SER A 49 9.32 2.99 -5.95
N GLY A 50 8.92 2.84 -7.21
CA GLY A 50 8.41 4.00 -7.94
C GLY A 50 9.37 5.16 -7.95
N ALA A 51 10.67 4.88 -7.81
CA ALA A 51 11.73 5.90 -7.76
C ALA A 51 11.81 6.59 -6.41
N SER A 52 10.67 6.85 -5.76
CA SER A 52 10.65 7.74 -4.61
C SER A 52 9.77 7.30 -3.45
N VAL A 53 9.07 6.18 -3.55
CA VAL A 53 8.09 5.79 -2.53
C VAL A 53 8.79 4.88 -1.52
N LEU A 54 8.97 5.37 -0.30
CA LEU A 54 9.64 4.60 0.73
C LEU A 54 8.78 3.46 1.23
N GLU A 55 9.41 2.32 1.49
CA GLU A 55 8.76 1.27 2.25
C GLU A 55 8.54 1.72 3.68
N SER A 56 7.52 1.15 4.33
CA SER A 56 7.27 1.47 5.73
C SER A 56 8.44 0.98 6.56
N GLY A 57 8.96 1.87 7.43
CA GLY A 57 10.03 1.54 8.35
C GLY A 57 11.35 2.20 8.01
N VAL A 58 11.58 2.53 6.74
CA VAL A 58 12.88 3.06 6.34
C VAL A 58 12.93 4.53 6.76
N PRO A 59 14.02 5.00 7.35
CA PRO A 59 14.06 6.38 7.85
C PRO A 59 13.83 7.40 6.74
N SER A 60 13.31 8.57 7.15
CA SER A 60 13.02 9.64 6.20
C SER A 60 14.27 10.29 5.63
N ARG A 61 15.46 9.98 6.17
CA ARG A 61 16.68 10.51 5.58
C ARG A 61 16.98 9.90 4.23
N PHE A 62 16.28 8.83 3.85
CA PHE A 62 16.36 8.26 2.51
C PHE A 62 15.32 8.91 1.61
N SER A 63 15.73 9.26 0.39
CA SER A 63 14.81 9.81 -0.58
C SER A 63 15.29 9.45 -1.98
N GLY A 64 14.35 9.42 -2.91
CA GLY A 64 14.66 9.10 -4.29
C GLY A 64 14.09 10.14 -5.23
N SER A 65 14.72 10.25 -6.40
CA SER A 65 14.31 11.20 -7.41
C SER A 65 14.63 10.65 -8.79
N GLY A 66 14.15 11.33 -9.81
CA GLY A 66 14.46 10.99 -11.18
C GLY A 66 13.26 10.38 -11.90
N SER A 67 13.30 10.48 -13.22
CA SER A 67 12.29 9.88 -14.07
C SER A 67 12.88 9.68 -15.46
N GLY A 68 12.46 8.60 -16.11
CA GLY A 68 12.93 8.30 -17.45
C GLY A 68 14.22 7.50 -17.47
N THR A 69 15.35 8.19 -17.34
CA THR A 69 16.65 7.58 -17.52
C THR A 69 17.64 7.82 -16.38
N GLU A 70 17.49 8.89 -15.61
CA GLU A 70 18.42 9.23 -14.54
C GLU A 70 17.70 9.25 -13.20
N PHE A 71 18.22 8.50 -12.23
CA PHE A 71 17.62 8.36 -10.91
C PHE A 71 18.69 8.53 -9.85
N THR A 72 18.28 9.06 -8.70
CA THR A 72 19.20 9.37 -7.61
C THR A 72 18.64 8.85 -6.29
N LEU A 73 19.51 8.22 -5.51
CA LEU A 73 19.22 7.86 -4.13
C LEU A 73 20.05 8.76 -3.23
N THR A 74 19.39 9.49 -2.34
CA THR A 74 20.06 10.46 -1.47
C THR A 74 19.86 10.07 -0.01
N ILE A 75 20.93 10.19 0.77
CA ILE A 75 20.88 10.05 2.22
C ILE A 75 21.20 11.43 2.80
N SER A 76 20.19 12.07 3.38
CA SER A 76 20.35 13.44 3.85
C SER A 76 21.46 13.57 4.88
N SER A 77 21.58 12.59 5.77
CA SER A 77 22.61 12.61 6.82
C SER A 77 23.03 11.17 7.08
N LEU A 78 24.16 10.78 6.51
CA LEU A 78 24.61 9.40 6.61
C LEU A 78 24.74 8.98 8.07
N GLN A 79 24.16 7.82 8.40
CA GLN A 79 24.19 7.27 9.74
C GLN A 79 25.05 6.01 9.80
N PRO A 80 25.46 5.59 11.00
CA PRO A 80 26.29 4.38 11.11
C PRO A 80 25.71 3.16 10.42
N ASP A 81 24.38 3.06 10.33
CA ASP A 81 23.73 1.87 9.77
C ASP A 81 23.75 1.86 8.25
N ASP A 82 24.05 2.99 7.61
CA ASP A 82 23.91 3.12 6.17
C ASP A 82 25.13 2.65 5.40
N PHE A 83 26.19 2.22 6.08
CA PHE A 83 27.39 1.71 5.42
C PHE A 83 27.10 0.29 4.95
N ALA A 84 26.81 0.17 3.65
CA ALA A 84 26.38 -1.09 3.05
C ALA A 84 26.47 -0.90 1.54
N THR A 85 25.96 -1.88 0.80
CA THR A 85 25.90 -1.82 -0.65
C THR A 85 24.48 -1.53 -1.09
N TYR A 86 24.35 -0.69 -2.12
CA TYR A 86 23.05 -0.24 -2.60
C TYR A 86 22.88 -0.64 -4.06
N TYR A 87 21.70 -1.17 -4.39
CA TYR A 87 21.40 -1.69 -5.71
C TYR A 87 20.16 -1.02 -6.24
N CYS A 88 20.18 -0.60 -7.51
CA CYS A 88 18.98 -0.17 -8.19
C CYS A 88 18.47 -1.29 -9.09
N GLN A 89 17.20 -1.18 -9.47
CA GLN A 89 16.54 -2.23 -10.25
C GLN A 89 15.37 -1.61 -10.98
N HIS A 90 15.34 -1.79 -12.30
CA HIS A 90 14.18 -1.40 -13.09
C HIS A 90 13.16 -2.53 -13.10
N TYR A 91 11.89 -2.16 -13.18
CA TYR A 91 10.82 -3.12 -13.45
C TYR A 91 9.90 -2.58 -14.53
N ASN A 92 10.50 -2.13 -15.64
CA ASN A 92 9.75 -1.75 -16.82
C ASN A 92 9.16 -2.94 -17.54
N SER A 93 9.64 -4.15 -17.24
CA SER A 93 9.10 -5.38 -17.82
C SER A 93 9.28 -6.50 -16.78
N TYR A 94 8.90 -7.72 -17.16
CA TYR A 94 9.12 -8.86 -16.28
C TYR A 94 10.59 -9.18 -16.13
N PHE A 95 11.39 -8.91 -17.16
CA PHE A 95 12.77 -9.39 -17.21
C PHE A 95 13.67 -8.33 -16.57
N VAL A 96 13.70 -8.40 -15.25
CA VAL A 96 14.26 -7.36 -14.40
C VAL A 96 15.78 -7.43 -14.43
N THR A 97 16.42 -6.26 -14.37
CA THR A 97 17.87 -6.19 -14.24
C THR A 97 18.25 -5.23 -13.12
N PHE A 98 19.42 -5.49 -12.52
CA PHE A 98 19.97 -4.70 -11.44
C PHE A 98 21.18 -3.91 -11.92
N GLY A 99 21.48 -2.84 -11.20
CA GLY A 99 22.77 -2.20 -11.33
C GLY A 99 23.86 -3.02 -10.64
N GLN A 100 25.11 -2.63 -10.88
CA GLN A 100 26.22 -3.41 -10.35
C GLN A 100 26.44 -3.19 -8.85
N GLY A 101 25.87 -2.14 -8.29
CA GLY A 101 25.95 -1.90 -6.86
C GLY A 101 26.91 -0.76 -6.54
N THR A 102 26.56 -0.01 -5.49
CA THR A 102 27.39 1.07 -4.97
C THR A 102 27.67 0.80 -3.50
N LYS A 103 28.93 0.58 -3.16
CA LYS A 103 29.33 0.31 -1.79
C LYS A 103 29.74 1.59 -1.09
N VAL A 104 29.14 1.85 0.07
CA VAL A 104 29.40 3.04 0.86
C VAL A 104 30.30 2.65 2.03
N GLU A 105 31.50 3.21 2.08
CA GLU A 105 32.49 2.81 3.07
C GLU A 105 32.82 3.98 3.99
N ILE A 106 33.51 3.65 5.08
CA ILE A 106 33.79 4.60 6.15
C ILE A 106 35.09 5.33 5.82
N LYS A 107 35.03 6.66 5.78
CA LYS A 107 36.23 7.46 5.57
C LYS A 107 36.97 7.62 6.89
N ARG A 108 38.30 7.53 6.83
CA ARG A 108 39.15 7.77 7.99
C ARG A 108 40.49 8.31 7.49
N THR A 109 41.36 8.61 8.45
CA THR A 109 42.68 9.12 8.11
C THR A 109 43.54 8.02 7.49
N VAL A 110 44.53 8.44 6.71
CA VAL A 110 45.45 7.48 6.09
C VAL A 110 46.24 6.77 7.18
N ALA A 111 46.39 5.46 7.02
CA ALA A 111 47.13 4.64 7.98
C ALA A 111 47.97 3.63 7.22
N ALA A 112 49.27 3.63 7.48
CA ALA A 112 50.18 2.77 6.73
C ALA A 112 50.07 1.32 7.23
N PRO A 113 50.36 0.35 6.37
CA PRO A 113 50.27 -1.05 6.79
C PRO A 113 51.52 -1.51 7.54
N SER A 114 51.29 -2.34 8.56
CA SER A 114 52.37 -3.10 9.19
C SER A 114 52.55 -4.39 8.40
N VAL A 115 53.77 -4.63 7.93
CA VAL A 115 54.05 -5.71 6.99
C VAL A 115 54.79 -6.83 7.72
N PHE A 116 54.35 -8.06 7.48
CA PHE A 116 55.00 -9.25 8.02
C PHE A 116 55.09 -10.30 6.92
N ILE A 117 56.18 -11.05 6.91
CA ILE A 117 56.38 -12.14 5.96
C ILE A 117 56.58 -13.42 6.74
N PHE A 118 56.07 -14.53 6.19
CA PHE A 118 56.10 -15.82 6.86
C PHE A 118 56.70 -16.84 5.90
N PRO A 119 57.78 -17.53 6.28
CA PRO A 119 58.27 -18.62 5.44
C PRO A 119 57.30 -19.79 5.49
N PRO A 120 57.38 -20.72 4.54
CA PRO A 120 56.58 -21.94 4.65
C PRO A 120 56.98 -22.74 5.87
N SER A 121 55.99 -23.37 6.50
CA SER A 121 56.28 -24.27 7.61
C SER A 121 56.99 -25.51 7.10
N ASP A 122 57.82 -26.10 7.96
CA ASP A 122 58.48 -27.34 7.60
C ASP A 122 57.45 -28.44 7.32
N GLU A 123 56.32 -28.42 8.03
CA GLU A 123 55.33 -29.48 7.85
C GLU A 123 54.77 -29.51 6.43
N GLN A 124 54.71 -28.35 5.76
CA GLN A 124 54.10 -28.31 4.43
C GLN A 124 55.01 -28.90 3.36
N LEU A 125 56.33 -28.80 3.53
CA LEU A 125 57.25 -29.20 2.46
C LEU A 125 57.06 -30.66 2.07
N LYS A 126 56.53 -31.48 2.97
CA LYS A 126 56.26 -32.88 2.62
C LYS A 126 55.24 -33.00 1.49
N SER A 127 54.51 -31.93 1.18
CA SER A 127 53.40 -31.98 0.24
C SER A 127 53.78 -31.57 -1.17
N GLY A 128 55.06 -31.31 -1.44
CA GLY A 128 55.46 -30.86 -2.76
C GLY A 128 55.08 -29.43 -3.08
N THR A 129 54.47 -28.71 -2.15
CA THR A 129 54.10 -27.32 -2.34
C THR A 129 54.63 -26.49 -1.18
N ALA A 130 54.97 -25.24 -1.47
CA ALA A 130 55.49 -24.33 -0.48
C ALA A 130 54.72 -23.01 -0.56
N SER A 131 54.19 -22.57 0.56
CA SER A 131 53.40 -21.34 0.63
C SER A 131 54.17 -20.27 1.40
N VAL A 132 54.31 -19.11 0.77
CA VAL A 132 54.89 -17.93 1.40
C VAL A 132 53.79 -16.90 1.57
N VAL A 133 53.63 -16.39 2.79
CA VAL A 133 52.52 -15.51 3.14
C VAL A 133 53.07 -14.14 3.50
N CYS A 134 52.44 -13.10 2.98
CA CYS A 134 52.74 -11.71 3.33
C CYS A 134 51.48 -11.08 3.90
N LEU A 135 51.62 -10.41 5.05
CA LEU A 135 50.50 -9.85 5.78
C LEU A 135 50.59 -8.34 5.80
N LEU A 136 49.54 -7.66 5.35
CA LEU A 136 49.40 -6.22 5.46
C LEU A 136 48.31 -5.95 6.49
N ASN A 137 48.68 -5.33 7.61
CA ASN A 137 47.81 -5.24 8.78
C ASN A 137 47.36 -3.80 8.99
N ASN A 138 46.03 -3.62 9.05
CA ASN A 138 45.43 -2.36 9.47
C ASN A 138 45.98 -1.15 8.70
N PHE A 139 45.50 -0.96 7.47
CA PHE A 139 45.88 0.18 6.67
C PHE A 139 44.63 0.83 6.08
N TYR A 140 44.81 2.05 5.56
CA TYR A 140 43.73 2.77 4.90
C TYR A 140 44.35 3.83 4.02
N PRO A 141 43.85 4.04 2.79
CA PRO A 141 42.72 3.36 2.14
C PRO A 141 43.03 1.96 1.63
N ARG A 142 42.04 1.34 0.99
CA ARG A 142 42.17 -0.06 0.57
C ARG A 142 43.26 -0.25 -0.47
N GLU A 143 43.51 0.75 -1.31
CA GLU A 143 44.46 0.62 -2.41
C GLU A 143 45.85 0.29 -1.88
N ALA A 144 46.39 -0.84 -2.31
CA ALA A 144 47.73 -1.26 -1.91
C ALA A 144 48.23 -2.32 -2.88
N LYS A 145 49.50 -2.21 -3.27
CA LYS A 145 50.12 -3.12 -4.21
C LYS A 145 51.13 -4.00 -3.50
N VAL A 146 51.13 -5.29 -3.83
CA VAL A 146 52.06 -6.26 -3.27
C VAL A 146 52.83 -6.89 -4.43
N GLN A 147 54.16 -6.89 -4.31
CA GLN A 147 55.04 -7.42 -5.34
C GLN A 147 55.96 -8.45 -4.72
N TRP A 148 55.99 -9.65 -5.30
CA TRP A 148 56.82 -10.74 -4.80
C TRP A 148 58.12 -10.80 -5.58
N LYS A 149 59.22 -11.10 -4.87
CA LYS A 149 60.53 -11.27 -5.48
C LYS A 149 61.16 -12.55 -4.95
N VAL A 150 61.65 -13.38 -5.85
CA VAL A 150 62.37 -14.60 -5.52
C VAL A 150 63.78 -14.47 -6.08
N ASP A 151 64.76 -14.35 -5.20
CA ASP A 151 66.13 -14.02 -5.58
C ASP A 151 66.14 -12.76 -6.45
N ASN A 152 65.36 -11.77 -6.03
CA ASN A 152 65.30 -10.45 -6.65
C ASN A 152 64.67 -10.47 -8.03
N ALA A 153 63.92 -11.51 -8.37
CA ALA A 153 63.24 -11.62 -9.65
C ALA A 153 61.74 -11.47 -9.44
N LEU A 154 61.11 -10.60 -10.24
CA LEU A 154 59.69 -10.35 -10.08
C LEU A 154 58.88 -11.61 -10.33
N GLN A 155 57.88 -11.83 -9.48
CA GLN A 155 56.95 -12.94 -9.64
C GLN A 155 55.61 -12.43 -10.15
N SER A 156 54.92 -13.28 -10.89
CA SER A 156 53.63 -12.90 -11.47
C SER A 156 52.83 -14.17 -11.76
N GLY A 157 51.54 -14.13 -11.42
CA GLY A 157 50.64 -15.21 -11.75
C GLY A 157 50.67 -16.38 -10.78
N ASN A 158 51.54 -16.37 -9.78
CA ASN A 158 51.64 -17.47 -8.82
C ASN A 158 51.28 -17.04 -7.40
N SER A 159 50.48 -15.97 -7.26
CA SER A 159 50.09 -15.48 -5.94
C SER A 159 48.61 -15.13 -5.96
N GLN A 160 48.01 -15.15 -4.77
CA GLN A 160 46.61 -14.80 -4.59
C GLN A 160 46.46 -13.93 -3.36
N GLU A 161 45.62 -12.90 -3.47
CA GLU A 161 45.38 -11.95 -2.40
C GLU A 161 43.98 -12.16 -1.81
N SER A 162 43.78 -11.55 -0.64
CA SER A 162 42.49 -11.57 0.03
C SER A 162 42.48 -10.43 1.05
N VAL A 163 41.34 -9.73 1.13
CA VAL A 163 41.22 -8.52 1.93
C VAL A 163 40.02 -8.66 2.86
N THR A 164 40.17 -8.16 4.09
CA THR A 164 39.07 -8.11 5.03
C THR A 164 38.14 -6.95 4.70
N GLU A 165 36.98 -6.95 5.34
CA GLU A 165 36.14 -5.77 5.35
C GLU A 165 36.66 -4.80 6.42
N GLN A 166 36.18 -3.56 6.36
CA GLN A 166 36.65 -2.54 7.29
C GLN A 166 36.46 -3.00 8.73
N ASP A 167 37.51 -2.87 9.52
CA ASP A 167 37.45 -3.27 10.93
C ASP A 167 36.37 -2.45 11.65
N SER A 168 35.70 -3.10 12.60
CA SER A 168 34.60 -2.45 13.29
C SER A 168 35.09 -1.35 14.23
N LYS A 169 36.32 -1.45 14.71
CA LYS A 169 36.83 -0.49 15.69
C LYS A 169 37.57 0.69 15.03
N ASP A 170 38.56 0.40 14.18
CA ASP A 170 39.36 1.45 13.57
C ASP A 170 39.10 1.59 12.07
N SER A 171 38.23 0.77 11.48
CA SER A 171 37.78 0.94 10.11
C SER A 171 38.93 0.81 9.10
N THR A 172 39.97 0.06 9.46
CA THR A 172 41.07 -0.22 8.54
C THR A 172 40.81 -1.51 7.77
N TYR A 173 41.66 -1.76 6.78
CA TYR A 173 41.68 -3.01 6.05
C TYR A 173 42.92 -3.81 6.42
N SER A 174 42.82 -5.13 6.22
CA SER A 174 43.96 -6.02 6.29
C SER A 174 43.95 -6.92 5.07
N LEU A 175 45.15 -7.24 4.59
CA LEU A 175 45.31 -7.97 3.33
C LEU A 175 46.31 -9.10 3.53
N SER A 176 46.04 -10.23 2.88
CA SER A 176 46.92 -11.40 2.92
C SER A 176 47.22 -11.86 1.52
N SER A 177 48.50 -11.94 1.19
CA SER A 177 48.98 -12.42 -0.10
C SER A 177 49.75 -13.71 0.10
N THR A 178 49.44 -14.72 -0.71
CA THR A 178 50.08 -16.03 -0.60
C THR A 178 50.78 -16.34 -1.92
N LEU A 179 52.09 -16.53 -1.85
CA LEU A 179 52.89 -16.99 -2.97
C LEU A 179 53.06 -18.50 -2.84
N THR A 180 52.62 -19.23 -3.87
CA THR A 180 52.65 -20.69 -3.84
C THR A 180 53.60 -21.19 -4.92
N LEU A 181 54.61 -21.95 -4.50
CA LEU A 181 55.60 -22.54 -5.38
C LEU A 181 55.66 -24.04 -5.14
N SER A 182 56.22 -24.76 -6.11
CA SER A 182 56.54 -26.16 -5.88
C SER A 182 57.72 -26.26 -4.93
N LYS A 183 57.81 -27.39 -4.21
CA LYS A 183 58.95 -27.60 -3.33
C LYS A 183 60.25 -27.46 -4.10
N ALA A 184 60.33 -28.09 -5.28
CA ALA A 184 61.55 -28.03 -6.08
C ALA A 184 61.95 -26.58 -6.36
N ASP A 185 61.01 -25.76 -6.82
CA ASP A 185 61.32 -24.37 -7.12
C ASP A 185 61.71 -23.61 -5.86
N TYR A 186 61.05 -23.91 -4.74
CA TYR A 186 61.37 -23.23 -3.49
C TYR A 186 62.78 -23.57 -3.01
N GLU A 187 63.27 -24.77 -3.32
CA GLU A 187 64.60 -25.16 -2.91
C GLU A 187 65.70 -24.61 -3.80
N LYS A 188 65.36 -24.18 -5.02
CA LYS A 188 66.36 -23.65 -5.95
C LYS A 188 66.73 -22.21 -5.67
N HIS A 189 66.03 -21.52 -4.78
CA HIS A 189 66.23 -20.11 -4.54
C HIS A 189 66.36 -19.85 -3.04
N LYS A 190 67.03 -18.74 -2.71
CA LYS A 190 67.38 -18.41 -1.34
C LYS A 190 66.57 -17.26 -0.76
N VAL A 191 66.55 -16.11 -1.43
CA VAL A 191 65.99 -14.89 -0.88
C VAL A 191 64.56 -14.74 -1.38
N TYR A 192 63.62 -14.59 -0.45
CA TYR A 192 62.21 -14.38 -0.74
C TYR A 192 61.76 -13.09 -0.10
N ALA A 193 61.09 -12.24 -0.87
CA ALA A 193 60.83 -10.87 -0.45
C ALA A 193 59.41 -10.47 -0.82
N CYS A 194 58.82 -9.61 0.02
CA CYS A 194 57.50 -9.05 -0.19
C CYS A 194 57.62 -7.53 -0.18
N GLU A 195 57.32 -6.90 -1.32
CA GLU A 195 57.40 -5.45 -1.46
C GLU A 195 55.99 -4.87 -1.48
N VAL A 196 55.72 -3.93 -0.58
CA VAL A 196 54.40 -3.34 -0.42
C VAL A 196 54.47 -1.86 -0.76
N THR A 197 53.49 -1.38 -1.52
CA THR A 197 53.36 0.03 -1.86
C THR A 197 52.01 0.53 -1.36
N HIS A 198 52.02 1.64 -0.64
CA HIS A 198 50.79 2.18 -0.08
C HIS A 198 50.90 3.68 0.09
N GLN A 199 49.76 4.36 0.00
CA GLN A 199 49.71 5.82 0.10
C GLN A 199 50.38 6.32 1.37
N GLY A 200 50.22 5.61 2.48
CA GLY A 200 50.80 6.01 3.75
C GLY A 200 52.27 5.73 3.91
N LEU A 201 52.92 5.15 2.90
CA LEU A 201 54.35 4.87 2.94
C LEU A 201 55.06 5.80 1.96
N SER A 202 56.07 6.51 2.46
CA SER A 202 56.81 7.44 1.60
C SER A 202 57.58 6.70 0.52
N SER A 203 57.96 5.46 0.76
CA SER A 203 58.65 4.64 -0.22
C SER A 203 58.29 3.19 0.01
N PRO A 204 58.48 2.33 -0.98
CA PRO A 204 58.09 0.92 -0.82
C PRO A 204 58.79 0.27 0.36
N VAL A 205 58.07 -0.62 1.04
CA VAL A 205 58.57 -1.36 2.19
C VAL A 205 58.79 -2.80 1.78
N THR A 206 59.92 -3.37 2.20
CA THR A 206 60.29 -4.74 1.90
C THR A 206 60.51 -5.52 3.18
N LYS A 207 59.91 -6.69 3.28
CA LYS A 207 60.23 -7.68 4.30
C LYS A 207 60.73 -8.93 3.59
N SER A 208 61.81 -9.52 4.10
CA SER A 208 62.48 -10.61 3.41
C SER A 208 62.92 -11.68 4.41
N PHE A 209 63.34 -12.81 3.86
CA PHE A 209 63.96 -13.87 4.62
C PHE A 209 64.76 -14.75 3.65
N ASN A 210 65.77 -15.42 4.18
CA ASN A 210 66.54 -16.39 3.42
C ASN A 210 66.07 -17.79 3.79
N ARG A 211 65.81 -18.62 2.78
CA ARG A 211 65.39 -19.99 3.01
C ARG A 211 66.45 -20.72 3.82
N GLY A 212 66.19 -20.93 5.11
CA GLY A 212 67.11 -21.65 5.96
C GLY A 212 67.64 -20.81 7.11
N GLU A 213 68.30 -19.70 6.78
CA GLU A 213 68.79 -18.79 7.81
C GLU A 213 67.68 -18.31 8.73
N GLN B 1 5.47 -13.77 12.96
CA GLN B 1 6.32 -13.02 12.01
C GLN B 1 6.46 -13.72 10.66
N MET B 2 6.42 -12.93 9.59
CA MET B 2 6.62 -13.44 8.24
C MET B 2 8.00 -14.07 8.10
N GLN B 3 8.11 -15.03 7.19
CA GLN B 3 9.42 -15.60 6.89
C GLN B 3 9.35 -16.43 5.61
N LEU B 4 10.51 -16.56 4.97
CA LEU B 4 10.70 -17.42 3.81
C LEU B 4 11.94 -18.27 4.11
N VAL B 5 11.75 -19.58 4.27
CA VAL B 5 12.82 -20.49 4.66
C VAL B 5 13.22 -21.32 3.44
N GLU B 6 14.47 -21.15 3.01
CA GLU B 6 14.98 -21.80 1.81
C GLU B 6 15.80 -23.03 2.18
N SER B 7 15.81 -24.01 1.29
CA SER B 7 16.54 -25.24 1.51
C SER B 7 16.84 -25.89 0.17
N GLY B 8 17.66 -26.94 0.21
CA GLY B 8 18.04 -27.69 -0.97
C GLY B 8 19.40 -27.36 -1.53
N GLY B 9 20.03 -26.29 -1.06
CA GLY B 9 21.35 -25.93 -1.53
C GLY B 9 22.40 -26.94 -1.11
N GLY B 10 23.55 -26.83 -1.75
CA GLY B 10 24.66 -27.73 -1.48
C GLY B 10 25.56 -27.82 -2.69
N VAL B 11 26.44 -28.82 -2.65
CA VAL B 11 27.41 -29.05 -3.71
C VAL B 11 26.77 -29.95 -4.76
N VAL B 12 26.93 -29.58 -6.02
CA VAL B 12 26.40 -30.35 -7.15
C VAL B 12 27.48 -30.42 -8.22
N GLN B 13 27.56 -31.56 -8.89
CA GLN B 13 28.55 -31.74 -9.93
C GLN B 13 28.10 -31.08 -11.23
N PRO B 14 29.03 -30.57 -12.04
CA PRO B 14 28.62 -29.96 -13.30
C PRO B 14 27.83 -30.93 -14.17
N GLY B 15 26.74 -30.42 -14.75
CA GLY B 15 25.86 -31.23 -15.57
C GLY B 15 24.69 -31.83 -14.82
N ARG B 16 24.73 -31.85 -13.49
CA ARG B 16 23.70 -32.48 -12.70
C ARG B 16 22.56 -31.51 -12.42
N SER B 17 21.58 -31.98 -11.66
CA SER B 17 20.39 -31.22 -11.33
C SER B 17 20.33 -30.99 -9.82
N LEU B 18 19.44 -30.08 -9.42
CA LEU B 18 19.25 -29.76 -8.01
C LEU B 18 17.94 -29.01 -7.87
N ARG B 19 17.22 -29.27 -6.78
CA ARG B 19 15.88 -28.73 -6.56
C ARG B 19 15.89 -27.90 -5.30
N LEU B 20 15.65 -26.60 -5.44
CA LEU B 20 15.56 -25.70 -4.30
C LEU B 20 14.11 -25.57 -3.85
N SER B 21 13.94 -25.32 -2.54
CA SER B 21 12.63 -25.15 -1.95
C SER B 21 12.61 -23.89 -1.10
N CYS B 22 11.45 -23.24 -1.06
CA CYS B 22 11.25 -22.04 -0.26
C CYS B 22 9.86 -22.12 0.35
N THR B 23 9.81 -22.30 1.67
CA THR B 23 8.55 -22.47 2.38
C THR B 23 8.17 -21.15 3.05
N ALA B 24 6.96 -20.69 2.77
CA ALA B 24 6.48 -19.41 3.28
C ALA B 24 5.64 -19.62 4.53
N SER B 25 5.58 -18.59 5.37
CA SER B 25 4.84 -18.65 6.62
C SER B 25 4.49 -17.24 7.06
N GLY B 26 3.30 -17.07 7.60
CA GLY B 26 2.87 -15.79 8.14
C GLY B 26 2.29 -14.82 7.14
N PHE B 27 1.94 -15.28 5.95
CA PHE B 27 1.23 -14.46 4.98
C PHE B 27 0.61 -15.38 3.94
N THR B 28 -0.36 -14.84 3.20
CA THR B 28 -1.14 -15.65 2.26
C THR B 28 -0.31 -15.88 1.00
N PHE B 29 0.46 -16.97 1.03
CA PHE B 29 1.37 -17.32 -0.07
C PHE B 29 0.65 -17.34 -1.41
N SER B 30 -0.61 -17.80 -1.43
CA SER B 30 -1.28 -18.13 -2.67
C SER B 30 -1.80 -16.91 -3.43
N THR B 31 -1.68 -15.69 -2.89
CA THR B 31 -2.13 -14.50 -3.61
C THR B 31 -0.98 -13.70 -4.21
N TYR B 32 0.25 -14.24 -4.17
CA TYR B 32 1.43 -13.50 -4.61
C TYR B 32 2.17 -14.24 -5.72
N ALA B 33 2.67 -13.47 -6.67
CA ALA B 33 3.75 -13.95 -7.53
C ALA B 33 5.03 -14.06 -6.71
N MET B 34 5.86 -15.03 -7.06
CA MET B 34 7.07 -15.33 -6.30
C MET B 34 8.25 -15.43 -7.25
N HIS B 35 9.41 -14.95 -6.81
CA HIS B 35 10.60 -14.86 -7.63
C HIS B 35 11.76 -15.63 -7.02
N TRP B 36 12.70 -16.00 -7.88
CA TRP B 36 14.02 -16.44 -7.47
C TRP B 36 15.04 -15.44 -7.97
N VAL B 37 15.97 -15.05 -7.09
CA VAL B 37 17.05 -14.13 -7.42
C VAL B 37 18.34 -14.70 -6.85
N ARG B 38 19.42 -14.65 -7.63
CA ARG B 38 20.69 -15.24 -7.21
C ARG B 38 21.79 -14.19 -7.19
N GLN B 39 22.84 -14.50 -6.43
CA GLN B 39 23.95 -13.57 -6.24
C GLN B 39 25.23 -14.39 -6.13
N SER B 40 26.09 -14.30 -7.16
CA SER B 40 27.36 -14.98 -7.10
C SER B 40 28.24 -14.35 -6.01
N PRO B 41 29.09 -15.15 -5.37
CA PRO B 41 29.92 -14.60 -4.29
C PRO B 41 30.74 -13.42 -4.77
N GLY B 42 30.65 -12.31 -4.02
CA GLY B 42 31.33 -11.09 -4.37
C GLY B 42 30.73 -10.33 -5.53
N GLN B 43 29.59 -10.77 -6.05
CA GLN B 43 29.00 -10.19 -7.25
C GLN B 43 27.66 -9.54 -6.90
N GLY B 44 27.02 -8.99 -7.92
CA GLY B 44 25.75 -8.31 -7.78
C GLY B 44 24.57 -9.27 -7.88
N LEU B 45 23.39 -8.67 -8.01
CA LEU B 45 22.13 -9.41 -8.02
C LEU B 45 21.67 -9.66 -9.45
N GLN B 46 20.99 -10.78 -9.65
CA GLN B 46 20.50 -11.17 -10.96
C GLN B 46 19.18 -11.91 -10.80
N TRP B 47 18.12 -11.36 -11.38
CA TRP B 47 16.82 -12.01 -11.38
C TRP B 47 16.89 -13.30 -12.19
N VAL B 48 16.24 -14.34 -11.68
CA VAL B 48 16.28 -15.67 -12.29
C VAL B 48 14.93 -16.03 -12.92
N ALA B 49 13.86 -15.99 -12.14
CA ALA B 49 12.58 -16.47 -12.64
C ALA B 49 11.44 -15.96 -11.74
N VAL B 50 10.23 -15.98 -12.30
CA VAL B 50 9.02 -15.62 -11.58
C VAL B 50 7.92 -16.61 -11.92
N ILE B 51 6.98 -16.78 -10.98
CA ILE B 51 5.80 -17.59 -11.19
C ILE B 51 4.59 -16.83 -10.66
N SER B 52 3.50 -16.82 -11.43
CA SER B 52 2.29 -16.13 -11.05
C SER B 52 1.59 -16.86 -9.90
N TYR B 53 0.59 -16.20 -9.31
CA TYR B 53 0.03 -16.68 -8.06
C TYR B 53 -0.58 -18.08 -8.22
N HIS B 54 -1.20 -18.37 -9.36
CA HIS B 54 -1.79 -19.68 -9.61
C HIS B 54 -1.08 -20.43 -10.73
N SER B 55 0.17 -20.06 -11.04
CA SER B 55 1.07 -20.80 -11.91
C SER B 55 0.78 -20.61 -13.40
N THR B 56 -0.18 -19.77 -13.78
CA THR B 56 -0.49 -19.63 -15.20
C THR B 56 0.70 -19.09 -15.99
N ASN B 57 1.53 -18.25 -15.38
CA ASN B 57 2.62 -17.59 -16.06
C ASN B 57 3.94 -17.92 -15.39
N LYS B 58 4.94 -18.26 -16.20
CA LYS B 58 6.31 -18.46 -15.75
C LYS B 58 7.25 -17.73 -16.69
N TYR B 59 8.11 -16.88 -16.16
CA TYR B 59 9.08 -16.15 -16.95
C TYR B 59 10.47 -16.36 -16.38
N TYR B 60 11.45 -16.41 -17.28
CA TYR B 60 12.82 -16.76 -16.95
C TYR B 60 13.78 -15.77 -17.61
N GLU B 61 14.96 -15.63 -17.01
CA GLU B 61 16.01 -14.87 -17.66
C GLU B 61 16.66 -15.70 -18.76
N ASP B 62 17.28 -15.01 -19.72
CA ASP B 62 17.78 -15.67 -20.92
C ASP B 62 18.73 -16.82 -20.59
N SER B 63 19.74 -16.55 -19.76
CA SER B 63 20.78 -17.54 -19.50
C SER B 63 20.24 -18.79 -18.82
N VAL B 64 18.97 -18.79 -18.40
CA VAL B 64 18.40 -19.89 -17.66
C VAL B 64 17.19 -20.51 -18.35
N ARG B 65 16.53 -19.79 -19.25
CA ARG B 65 15.38 -20.32 -19.96
C ARG B 65 15.73 -21.62 -20.67
N GLY B 66 14.93 -22.66 -20.42
CA GLY B 66 15.08 -23.95 -21.05
C GLY B 66 15.69 -25.03 -20.19
N ARG B 67 16.40 -24.65 -19.10
CA ARG B 67 17.00 -25.64 -18.22
C ARG B 67 16.60 -25.49 -16.76
N PHE B 68 16.02 -24.36 -16.35
CA PHE B 68 15.41 -24.24 -15.03
C PHE B 68 13.90 -24.28 -15.16
N THR B 69 13.25 -24.80 -14.13
CA THR B 69 11.80 -24.87 -14.07
C THR B 69 11.36 -24.38 -12.71
N ILE B 70 10.48 -23.38 -12.70
CA ILE B 70 9.93 -22.81 -11.47
C ILE B 70 8.53 -23.36 -11.28
N SER B 71 8.16 -23.63 -10.03
CA SER B 71 6.85 -24.20 -9.72
C SER B 71 6.53 -23.88 -8.27
N ARG B 72 5.30 -24.19 -7.87
CA ARG B 72 4.85 -23.88 -6.52
C ARG B 72 3.76 -24.86 -6.12
N ASP B 73 3.61 -25.04 -4.81
CA ASP B 73 2.58 -25.88 -4.22
C ASP B 73 1.87 -25.03 -3.17
N ASN B 74 0.76 -24.41 -3.55
CA ASN B 74 0.11 -23.44 -2.67
C ASN B 74 -0.47 -24.09 -1.43
N SER B 75 -0.89 -25.36 -1.51
CA SER B 75 -1.39 -26.04 -0.33
C SER B 75 -0.27 -26.25 0.69
N LYS B 76 0.98 -26.29 0.23
CA LYS B 76 2.13 -26.43 1.11
C LYS B 76 2.91 -25.13 1.30
N ASN B 77 2.45 -24.03 0.72
CA ASN B 77 3.12 -22.74 0.85
C ASN B 77 4.58 -22.83 0.42
N THR B 78 4.85 -23.59 -0.63
CA THR B 78 6.23 -23.87 -1.05
C THR B 78 6.47 -23.44 -2.49
N LEU B 79 7.59 -22.78 -2.71
CA LEU B 79 8.09 -22.43 -4.03
C LEU B 79 9.29 -23.33 -4.36
N TYR B 80 9.37 -23.76 -5.61
CA TYR B 80 10.44 -24.65 -6.05
C TYR B 80 11.20 -24.03 -7.22
N LEU B 81 12.47 -24.40 -7.33
CA LEU B 81 13.26 -24.14 -8.52
C LEU B 81 14.02 -25.42 -8.86
N GLN B 82 13.65 -26.05 -9.98
CA GLN B 82 14.34 -27.24 -10.47
C GLN B 82 15.41 -26.77 -11.45
N MET B 83 16.67 -26.99 -11.10
CA MET B 83 17.79 -26.54 -11.90
C MET B 83 18.44 -27.74 -12.58
N ASN B 84 18.67 -27.63 -13.89
CA ASN B 84 19.26 -28.69 -14.68
C ASN B 84 20.50 -28.18 -15.38
N SER B 85 21.34 -29.13 -15.82
CA SER B 85 22.55 -28.83 -16.58
C SER B 85 23.33 -27.69 -15.93
N LEU B 86 23.57 -27.85 -14.62
CA LEU B 86 24.25 -26.81 -13.87
C LEU B 86 25.72 -26.72 -14.27
N ARG B 87 26.23 -25.49 -14.25
CA ARG B 87 27.60 -25.19 -14.63
C ARG B 87 28.21 -24.29 -13.56
N ALA B 88 29.54 -24.18 -13.61
CA ALA B 88 30.25 -23.44 -12.55
C ALA B 88 29.73 -22.01 -12.42
N GLU B 89 29.17 -21.44 -13.49
CA GLU B 89 28.69 -20.07 -13.45
C GLU B 89 27.39 -19.93 -12.67
N ASP B 90 26.74 -21.04 -12.33
CA ASP B 90 25.51 -21.01 -11.54
C ASP B 90 25.77 -21.04 -10.04
N THR B 91 27.04 -21.12 -9.62
CA THR B 91 27.37 -21.01 -8.21
C THR B 91 26.93 -19.66 -7.68
N ALA B 92 26.05 -19.67 -6.69
CA ALA B 92 25.52 -18.44 -6.14
C ALA B 92 24.68 -18.74 -4.91
N VAL B 93 24.37 -17.69 -4.17
CA VAL B 93 23.28 -17.73 -3.18
C VAL B 93 21.98 -17.51 -3.93
N TYR B 94 21.05 -18.45 -3.80
CA TYR B 94 19.76 -18.35 -4.45
C TYR B 94 18.73 -17.85 -3.45
N TYR B 95 18.16 -16.68 -3.72
CA TYR B 95 17.21 -16.03 -2.83
C TYR B 95 15.78 -16.26 -3.31
N CYS B 96 14.89 -16.38 -2.34
CA CYS B 96 13.46 -16.45 -2.55
C CYS B 96 12.85 -15.09 -2.19
N ALA B 97 11.94 -14.59 -3.02
CA ALA B 97 11.47 -13.22 -2.85
C ALA B 97 10.01 -13.07 -3.26
N ARG B 98 9.28 -12.29 -2.47
CA ARG B 98 7.85 -12.05 -2.71
C ARG B 98 7.66 -10.80 -3.57
N ASP B 99 6.64 -10.84 -4.43
CA ASP B 99 6.26 -9.70 -5.26
C ASP B 99 5.04 -9.06 -4.61
N GLY B 100 5.30 -8.31 -3.54
CA GLY B 100 4.21 -7.80 -2.71
C GLY B 100 3.22 -6.95 -3.48
N TYR B 101 3.72 -6.15 -4.43
CA TYR B 101 2.88 -5.24 -5.19
C TYR B 101 2.52 -5.77 -6.57
N SER B 102 2.87 -7.01 -6.88
CA SER B 102 2.60 -7.59 -8.20
C SER B 102 3.16 -6.70 -9.31
N SER B 103 4.46 -6.39 -9.21
CA SER B 103 5.06 -5.43 -10.12
C SER B 103 6.52 -5.73 -10.45
N SER B 104 6.97 -6.97 -10.25
CA SER B 104 8.33 -7.37 -10.59
C SER B 104 9.38 -6.59 -9.80
N PHE B 105 9.08 -6.33 -8.53
CA PHE B 105 10.10 -5.94 -7.57
C PHE B 105 9.74 -6.55 -6.22
N PHE B 106 10.72 -6.61 -5.33
CA PHE B 106 10.77 -7.60 -4.27
C PHE B 106 10.78 -6.94 -2.91
N ASP B 107 9.66 -7.04 -2.20
CA ASP B 107 9.49 -6.37 -0.91
C ASP B 107 9.82 -7.27 0.28
N PHE B 108 9.98 -8.57 0.06
CA PHE B 108 10.31 -9.49 1.15
C PHE B 108 11.15 -10.63 0.60
N TRP B 109 12.29 -10.90 1.25
CA TRP B 109 13.23 -11.90 0.80
C TRP B 109 13.43 -12.96 1.88
N GLY B 110 13.76 -14.17 1.43
CA GLY B 110 14.39 -15.14 2.31
C GLY B 110 15.87 -14.86 2.43
N GLN B 111 16.52 -15.55 3.36
CA GLN B 111 17.94 -15.31 3.60
C GLN B 111 18.85 -16.13 2.71
N GLY B 112 18.30 -16.90 1.77
CA GLY B 112 19.09 -17.50 0.72
C GLY B 112 19.68 -18.85 1.09
N THR B 113 20.02 -19.61 0.05
CA THR B 113 20.67 -20.90 0.19
C THR B 113 21.75 -21.00 -0.88
N LEU B 114 22.91 -21.53 -0.50
CA LEU B 114 24.07 -21.56 -1.39
C LEU B 114 24.08 -22.88 -2.16
N VAL B 115 24.32 -22.78 -3.47
CA VAL B 115 24.63 -23.95 -4.30
C VAL B 115 26.01 -23.73 -4.89
N THR B 116 26.87 -24.73 -4.73
CA THR B 116 28.21 -24.72 -5.29
C THR B 116 28.28 -25.78 -6.39
N VAL B 117 28.59 -25.35 -7.60
CA VAL B 117 28.75 -26.27 -8.73
C VAL B 117 30.24 -26.51 -8.91
N SER B 118 30.69 -27.73 -8.63
CA SER B 118 32.10 -28.06 -8.68
C SER B 118 32.26 -29.57 -8.78
N SER B 119 33.34 -29.98 -9.45
CA SER B 119 33.68 -31.40 -9.55
C SER B 119 34.60 -31.84 -8.41
N ALA B 120 35.01 -30.94 -7.53
CA ALA B 120 35.90 -31.29 -6.44
C ALA B 120 35.18 -32.18 -5.43
N SER B 121 35.96 -33.06 -4.80
CA SER B 121 35.45 -33.94 -3.76
C SER B 121 35.70 -33.32 -2.39
N THR B 122 34.87 -33.72 -1.42
CA THR B 122 35.03 -33.25 -0.05
C THR B 122 36.45 -33.56 0.45
N LYS B 123 37.08 -32.55 1.06
CA LYS B 123 38.44 -32.70 1.53
C LYS B 123 38.66 -31.80 2.72
N GLY B 124 39.14 -32.37 3.82
CA GLY B 124 39.45 -31.61 5.00
C GLY B 124 40.71 -30.78 4.82
N PRO B 125 40.83 -29.68 5.55
CA PRO B 125 42.00 -28.82 5.41
C PRO B 125 43.23 -29.40 6.09
N SER B 126 44.39 -28.92 5.66
CA SER B 126 45.64 -29.10 6.37
C SER B 126 46.06 -27.75 6.96
N VAL B 127 46.32 -27.73 8.26
CA VAL B 127 46.54 -26.50 9.00
C VAL B 127 48.04 -26.37 9.27
N PHE B 128 48.65 -25.32 8.72
CA PHE B 128 50.07 -25.05 8.90
C PHE B 128 50.26 -23.76 9.70
N PRO B 129 51.23 -23.72 10.60
CA PRO B 129 51.42 -22.51 11.41
C PRO B 129 52.15 -21.42 10.66
N LEU B 130 51.84 -20.18 11.02
CA LEU B 130 52.57 -19.00 10.56
C LEU B 130 53.28 -18.44 11.79
N ALA B 131 54.49 -18.93 12.04
CA ALA B 131 55.19 -18.61 13.28
C ALA B 131 55.92 -17.26 13.18
N PRO B 132 55.97 -16.51 14.27
CA PRO B 132 56.73 -15.26 14.27
C PRO B 132 58.22 -15.49 14.51
N SER B 133 59.02 -14.52 14.08
CA SER B 133 60.46 -14.56 14.30
C SER B 133 60.89 -13.42 15.21
N GLY B 139 58.17 -3.33 15.70
CA GLY B 139 59.31 -3.48 16.59
C GLY B 139 58.93 -4.17 17.89
N GLY B 140 57.85 -3.68 18.52
CA GLY B 140 57.31 -4.30 19.71
C GLY B 140 56.03 -5.08 19.48
N THR B 141 55.59 -5.24 18.24
CA THR B 141 54.37 -5.97 17.91
C THR B 141 54.73 -7.16 17.04
N ALA B 142 54.23 -8.34 17.42
CA ALA B 142 54.45 -9.57 16.66
C ALA B 142 53.16 -9.99 15.99
N ALA B 143 53.30 -10.56 14.80
CA ALA B 143 52.17 -11.11 14.05
C ALA B 143 52.37 -12.61 13.89
N LEU B 144 51.28 -13.35 13.99
CA LEU B 144 51.31 -14.80 13.85
C LEU B 144 49.94 -15.27 13.41
N GLY B 145 49.90 -16.47 12.87
CA GLY B 145 48.66 -17.03 12.38
C GLY B 145 48.84 -18.46 11.95
N CYS B 146 47.86 -18.97 11.21
CA CYS B 146 47.94 -20.29 10.62
C CYS B 146 47.27 -20.30 9.26
N LEU B 147 47.72 -21.21 8.41
CA LEU B 147 47.30 -21.32 7.02
C LEU B 147 46.42 -22.55 6.89
N VAL B 148 45.16 -22.34 6.52
CA VAL B 148 44.17 -23.41 6.37
C VAL B 148 44.05 -23.68 4.88
N LYS B 149 44.66 -24.78 4.42
CA LYS B 149 44.91 -24.99 3.00
C LYS B 149 44.17 -26.21 2.48
N ASP B 150 43.72 -26.12 1.23
CA ASP B 150 43.26 -27.27 0.44
C ASP B 150 42.12 -28.00 1.14
N TYR B 151 40.97 -27.34 1.16
CA TYR B 151 39.75 -27.93 1.70
C TYR B 151 38.58 -27.66 0.76
N PHE B 152 37.59 -28.54 0.84
CA PHE B 152 36.37 -28.37 0.06
C PHE B 152 35.25 -29.15 0.74
N PRO B 153 34.02 -28.62 0.79
CA PRO B 153 33.62 -27.27 0.39
C PRO B 153 33.71 -26.29 1.54
N GLU B 154 33.34 -25.04 1.31
CA GLU B 154 33.28 -24.07 2.39
C GLU B 154 32.13 -24.42 3.34
N PRO B 155 32.15 -23.87 4.57
CA PRO B 155 33.19 -23.00 5.15
C PRO B 155 34.07 -23.70 6.18
N VAL B 156 35.11 -22.99 6.62
CA VAL B 156 35.89 -23.36 7.79
C VAL B 156 35.75 -22.24 8.81
N THR B 157 35.70 -22.61 10.08
CA THR B 157 35.69 -21.64 11.17
C THR B 157 37.02 -21.69 11.90
N VAL B 158 37.54 -20.51 12.24
CA VAL B 158 38.83 -20.38 12.90
C VAL B 158 38.64 -19.53 14.14
N SER B 159 38.99 -20.09 15.30
CA SER B 159 39.07 -19.34 16.54
C SER B 159 40.48 -19.50 17.11
N TRP B 160 40.82 -18.61 18.04
CA TRP B 160 42.13 -18.60 18.67
C TRP B 160 41.99 -18.84 20.17
N ASN B 161 42.82 -19.74 20.69
CA ASN B 161 42.78 -20.12 22.10
C ASN B 161 41.35 -20.40 22.56
N SER B 162 40.63 -21.19 21.74
CA SER B 162 39.27 -21.61 22.06
C SER B 162 38.35 -20.41 22.28
N GLY B 163 38.48 -19.40 21.42
CA GLY B 163 37.63 -18.23 21.45
C GLY B 163 38.03 -17.17 22.45
N ALA B 164 38.88 -17.50 23.43
CA ALA B 164 39.27 -16.51 24.43
C ALA B 164 39.96 -15.31 23.77
N LEU B 165 40.90 -15.57 22.86
CA LEU B 165 41.62 -14.50 22.18
C LEU B 165 40.75 -13.96 21.04
N THR B 166 40.51 -12.67 21.05
CA THR B 166 39.67 -12.00 20.07
C THR B 166 40.31 -10.75 19.49
N SER B 167 41.02 -9.97 20.30
CA SER B 167 41.60 -8.73 19.83
C SER B 167 42.77 -8.99 18.89
N GLY B 168 42.81 -8.23 17.80
CA GLY B 168 43.88 -8.36 16.82
C GLY B 168 43.70 -9.48 15.82
N VAL B 169 42.62 -10.24 15.90
CA VAL B 169 42.41 -11.37 15.00
C VAL B 169 41.87 -10.85 13.67
N HIS B 170 42.42 -11.36 12.57
CA HIS B 170 41.89 -11.12 11.24
C HIS B 170 41.84 -12.46 10.51
N THR B 171 40.64 -12.93 10.21
CA THR B 171 40.43 -14.16 9.45
C THR B 171 40.02 -13.76 8.04
N PHE B 172 40.87 -14.08 7.07
CA PHE B 172 40.66 -13.56 5.72
C PHE B 172 39.68 -14.43 4.94
N PRO B 173 38.97 -13.84 3.98
CA PRO B 173 38.08 -14.64 3.13
C PRO B 173 38.85 -15.74 2.42
N ALA B 174 38.19 -16.87 2.21
CA ALA B 174 38.81 -17.99 1.53
C ALA B 174 39.04 -17.67 0.05
N VAL B 175 40.14 -18.19 -0.48
CA VAL B 175 40.52 -18.01 -1.87
C VAL B 175 40.34 -19.34 -2.59
N LEU B 176 39.86 -19.29 -3.83
CA LEU B 176 39.62 -20.49 -4.62
C LEU B 176 40.81 -20.72 -5.54
N GLN B 177 41.43 -21.88 -5.41
CA GLN B 177 42.63 -22.21 -6.16
C GLN B 177 42.26 -22.93 -7.46
N SER B 178 43.22 -22.95 -8.40
CA SER B 178 42.98 -23.62 -9.68
C SER B 178 42.72 -25.10 -9.51
N SER B 179 43.12 -25.68 -8.39
CA SER B 179 42.82 -27.09 -8.10
C SER B 179 41.35 -27.31 -7.76
N GLY B 180 40.58 -26.25 -7.55
CA GLY B 180 39.22 -26.39 -7.09
C GLY B 180 39.07 -26.44 -5.59
N LEU B 181 40.16 -26.38 -4.84
CA LEU B 181 40.13 -26.38 -3.38
C LEU B 181 40.28 -24.96 -2.86
N TYR B 182 39.76 -24.73 -1.66
CA TYR B 182 39.85 -23.43 -1.03
C TYR B 182 41.03 -23.37 -0.08
N SER B 183 41.54 -22.16 0.12
CA SER B 183 42.61 -21.89 1.06
C SER B 183 42.30 -20.59 1.79
N LEU B 184 42.70 -20.53 3.06
CA LEU B 184 42.34 -19.43 3.91
C LEU B 184 43.43 -19.21 4.96
N SER B 185 43.52 -17.98 5.45
CA SER B 185 44.53 -17.60 6.43
C SER B 185 43.87 -16.85 7.57
N SER B 186 44.34 -17.13 8.78
CA SER B 186 43.95 -16.38 9.97
C SER B 186 45.20 -15.93 10.69
N VAL B 187 45.22 -14.68 11.13
CA VAL B 187 46.39 -14.07 11.76
C VAL B 187 45.94 -13.21 12.93
N VAL B 188 46.87 -12.97 13.84
CA VAL B 188 46.60 -12.15 15.02
C VAL B 188 47.89 -11.46 15.43
N THR B 189 47.77 -10.19 15.80
CA THR B 189 48.90 -9.41 16.30
C THR B 189 48.86 -9.40 17.82
N VAL B 190 50.02 -9.55 18.44
CA VAL B 190 50.15 -9.57 19.90
C VAL B 190 51.41 -8.82 20.29
N PRO B 191 51.47 -8.34 21.53
CA PRO B 191 52.71 -7.72 22.01
C PRO B 191 53.87 -8.71 21.89
N SER B 192 54.99 -8.23 21.33
CA SER B 192 56.14 -9.10 21.15
C SER B 192 56.62 -9.70 22.46
N SER B 193 56.45 -8.96 23.57
CA SER B 193 56.91 -9.44 24.86
C SER B 193 56.20 -10.73 25.28
N SER B 194 54.99 -10.96 24.76
CA SER B 194 54.14 -12.05 25.24
C SER B 194 54.57 -13.42 24.73
N LEU B 195 55.56 -13.51 23.85
CA LEU B 195 55.76 -14.76 23.13
C LEU B 195 56.36 -15.87 23.96
N GLY B 196 56.51 -15.73 25.28
CA GLY B 196 56.77 -16.88 26.12
C GLY B 196 55.57 -17.18 27.00
N THR B 197 55.33 -16.26 27.94
CA THR B 197 54.25 -16.35 28.91
C THR B 197 52.91 -16.78 28.34
N GLN B 198 52.63 -16.44 27.08
CA GLN B 198 51.32 -16.71 26.49
C GLN B 198 51.44 -17.74 25.37
N THR B 199 50.49 -18.65 25.32
CA THR B 199 50.39 -19.67 24.29
C THR B 199 49.31 -19.29 23.28
N TYR B 200 49.49 -19.74 22.04
CA TYR B 200 48.59 -19.40 20.95
C TYR B 200 48.31 -20.63 20.11
N ILE B 201 47.02 -20.91 19.90
CA ILE B 201 46.57 -22.14 19.25
C ILE B 201 45.44 -21.80 18.28
N CYS B 202 45.46 -22.41 17.11
CA CYS B 202 44.37 -22.32 16.15
C CYS B 202 43.34 -23.39 16.45
N ASN B 203 42.07 -23.03 16.34
CA ASN B 203 40.97 -24.00 16.41
C ASN B 203 40.29 -23.97 15.04
N VAL B 204 40.60 -24.95 14.20
CA VAL B 204 40.09 -25.02 12.84
C VAL B 204 38.98 -26.05 12.80
N ASN B 205 37.84 -25.66 12.25
CA ASN B 205 36.66 -26.51 12.18
C ASN B 205 36.16 -26.57 10.75
N HIS B 206 36.13 -27.78 10.18
CA HIS B 206 35.59 -28.00 8.83
C HIS B 206 34.57 -29.13 8.95
N LYS B 207 33.31 -28.75 9.14
CA LYS B 207 32.26 -29.75 9.33
C LYS B 207 32.08 -30.70 8.16
N PRO B 208 32.07 -30.24 6.91
CA PRO B 208 31.87 -31.18 5.79
C PRO B 208 32.81 -32.38 5.80
N SER B 209 33.97 -32.27 6.44
CA SER B 209 34.91 -33.38 6.53
C SER B 209 35.07 -33.91 7.95
N ASN B 210 34.28 -33.39 8.91
CA ASN B 210 34.37 -33.82 10.30
C ASN B 210 35.70 -33.43 10.92
N THR B 211 36.29 -32.33 10.46
CA THR B 211 37.64 -31.94 10.87
C THR B 211 37.57 -30.95 12.03
N LYS B 212 38.23 -31.29 13.14
CA LYS B 212 38.51 -30.34 14.21
C LYS B 212 40.00 -30.44 14.52
N VAL B 213 40.73 -29.33 14.30
CA VAL B 213 42.18 -29.31 14.45
C VAL B 213 42.55 -28.19 15.42
N ASP B 214 43.44 -28.51 16.35
CA ASP B 214 44.07 -27.51 17.22
C ASP B 214 45.56 -27.52 16.93
N LYS B 215 46.10 -26.37 16.53
CA LYS B 215 47.48 -26.26 16.07
C LYS B 215 48.20 -25.19 16.88
N LYS B 216 49.10 -25.61 17.76
CA LYS B 216 49.90 -24.66 18.53
C LYS B 216 50.94 -23.99 17.62
N VAL B 217 51.07 -22.69 17.76
CA VAL B 217 51.95 -21.88 16.92
C VAL B 217 53.16 -21.50 17.77
N GLU B 218 54.28 -22.18 17.54
CA GLU B 218 55.50 -21.97 18.32
C GLU B 218 56.40 -20.96 17.63
N PRO B 219 57.01 -20.01 18.37
CA PRO B 219 57.93 -19.04 17.77
C PRO B 219 59.33 -19.60 17.51
N ASP C 1 -24.78 -11.84 -8.25
CA ASP C 1 -24.82 -13.25 -7.73
C ASP C 1 -24.67 -13.28 -6.22
N ILE C 2 -23.69 -12.54 -5.70
CA ILE C 2 -23.42 -12.48 -4.27
C ILE C 2 -24.25 -11.36 -3.66
N GLN C 3 -25.01 -11.70 -2.61
CA GLN C 3 -25.79 -10.73 -1.85
C GLN C 3 -25.05 -10.37 -0.58
N MET C 4 -24.92 -9.07 -0.31
CA MET C 4 -24.32 -8.56 0.92
C MET C 4 -25.42 -7.99 1.80
N THR C 5 -25.58 -8.56 2.99
CA THR C 5 -26.60 -8.12 3.94
C THR C 5 -25.91 -7.51 5.15
N GLN C 6 -26.22 -6.25 5.43
CA GLN C 6 -25.72 -5.57 6.62
C GLN C 6 -26.77 -5.59 7.72
N SER C 7 -26.30 -5.52 8.97
CA SER C 7 -27.20 -5.48 10.10
C SER C 7 -26.49 -4.80 11.26
N PRO C 8 -27.17 -3.91 12.00
CA PRO C 8 -28.54 -3.47 11.77
C PRO C 8 -28.62 -2.47 10.63
N SER C 9 -29.82 -2.22 10.10
CA SER C 9 -29.97 -1.19 9.09
C SER C 9 -29.77 0.19 9.70
N THR C 10 -30.23 0.39 10.93
CA THR C 10 -29.98 1.61 11.67
C THR C 10 -29.49 1.29 13.07
N LEU C 11 -28.67 2.19 13.61
CA LEU C 11 -27.99 1.98 14.88
C LEU C 11 -28.00 3.30 15.64
N SER C 12 -28.44 3.26 16.90
CA SER C 12 -28.49 4.43 17.76
C SER C 12 -27.43 4.28 18.84
N ALA C 13 -26.57 5.30 18.95
CA ALA C 13 -25.50 5.29 19.95
C ALA C 13 -25.11 6.73 20.25
N SER C 14 -24.27 6.89 21.27
CA SER C 14 -23.80 8.18 21.71
C SER C 14 -22.28 8.24 21.65
N VAL C 15 -21.76 9.47 21.74
CA VAL C 15 -20.31 9.66 21.70
C VAL C 15 -19.67 8.89 22.85
N GLY C 16 -18.51 8.30 22.57
CA GLY C 16 -17.80 7.50 23.54
C GLY C 16 -18.20 6.05 23.58
N ASP C 17 -19.12 5.62 22.73
CA ASP C 17 -19.61 4.25 22.74
C ASP C 17 -18.75 3.37 21.83
N ARG C 18 -18.72 2.08 22.18
CA ARG C 18 -18.23 1.04 21.28
C ARG C 18 -19.40 0.50 20.48
N VAL C 19 -19.28 0.50 19.15
CA VAL C 19 -20.35 0.06 18.27
C VAL C 19 -19.78 -0.92 17.26
N ALA C 20 -20.64 -1.85 16.82
CA ALA C 20 -20.26 -2.91 15.93
C ALA C 20 -21.31 -3.07 14.84
N ILE C 21 -20.87 -3.09 13.59
CA ILE C 21 -21.73 -3.28 12.43
C ILE C 21 -21.37 -4.60 11.78
N THR C 22 -22.37 -5.37 11.38
CA THR C 22 -22.18 -6.69 10.81
C THR C 22 -22.51 -6.68 9.32
N CYS C 23 -21.78 -7.51 8.57
CA CYS C 23 -21.98 -7.67 7.14
C CYS C 23 -21.89 -9.16 6.83
N ARG C 24 -22.95 -9.73 6.27
CA ARG C 24 -22.98 -11.14 5.90
C ARG C 24 -23.03 -11.28 4.40
N ALA C 25 -22.21 -12.18 3.87
CA ALA C 25 -22.19 -12.49 2.44
C ALA C 25 -22.90 -13.80 2.20
N SER C 26 -23.71 -13.85 1.14
CA SER C 26 -24.44 -15.06 0.78
C SER C 26 -23.55 -16.17 0.26
N GLN C 27 -22.23 -16.01 0.32
CA GLN C 27 -21.29 -16.91 -0.33
C GLN C 27 -19.89 -16.53 0.12
N SER C 28 -19.00 -17.51 0.16
CA SER C 28 -17.67 -17.30 0.72
C SER C 28 -16.88 -16.32 -0.13
N ILE C 29 -16.27 -15.32 0.52
CA ILE C 29 -15.48 -14.32 -0.18
C ILE C 29 -14.14 -14.11 0.52
N SER C 30 -13.71 -15.11 1.31
CA SER C 30 -12.44 -15.04 2.02
C SER C 30 -12.36 -13.74 2.83
N ARG C 31 -11.35 -12.92 2.57
CA ARG C 31 -11.21 -11.62 3.23
C ARG C 31 -11.36 -10.46 2.26
N TRP C 32 -11.92 -10.70 1.07
CA TRP C 32 -12.08 -9.66 0.06
C TRP C 32 -13.33 -8.84 0.40
N LEU C 33 -13.16 -7.93 1.35
CA LEU C 33 -14.27 -7.16 1.89
C LEU C 33 -13.77 -5.77 2.25
N ALA C 34 -14.48 -4.75 1.78
CA ALA C 34 -14.12 -3.36 2.04
C ALA C 34 -15.27 -2.65 2.73
N TRP C 35 -14.93 -1.67 3.58
CA TRP C 35 -15.89 -0.85 4.28
C TRP C 35 -15.75 0.60 3.83
N TYR C 36 -16.88 1.28 3.66
CA TYR C 36 -16.91 2.67 3.25
C TYR C 36 -17.76 3.48 4.22
N GLN C 37 -17.38 4.74 4.39
CA GLN C 37 -18.15 5.72 5.16
C GLN C 37 -18.65 6.80 4.21
N GLN C 38 -19.89 7.23 4.41
CA GLN C 38 -20.47 8.28 3.58
C GLN C 38 -21.20 9.29 4.47
N GLN C 39 -20.72 10.52 4.45
CA GLN C 39 -21.41 11.63 5.09
C GLN C 39 -22.44 12.21 4.15
N PRO C 40 -23.47 12.89 4.67
CA PRO C 40 -24.50 13.45 3.78
C PRO C 40 -23.91 14.44 2.78
N GLY C 41 -24.29 14.26 1.52
CA GLY C 41 -23.83 15.15 0.46
C GLY C 41 -22.38 14.97 0.07
N LYS C 42 -21.77 13.86 0.47
CA LYS C 42 -20.37 13.60 0.19
C LYS C 42 -20.22 12.22 -0.46
N ALA C 43 -19.21 12.11 -1.33
CA ALA C 43 -18.90 10.82 -1.90
C ALA C 43 -18.40 9.87 -0.82
N PRO C 44 -18.65 8.57 -0.96
CA PRO C 44 -18.15 7.62 0.04
C PRO C 44 -16.63 7.64 0.11
N LYS C 45 -16.11 7.09 1.20
CA LYS C 45 -14.69 7.11 1.50
C LYS C 45 -14.27 5.75 2.03
N LEU C 46 -13.19 5.21 1.46
CA LEU C 46 -12.73 3.88 1.84
C LEU C 46 -12.13 3.90 3.24
N LEU C 47 -12.63 3.00 4.10
CA LEU C 47 -12.09 2.82 5.45
C LEU C 47 -11.12 1.65 5.52
N MET C 48 -11.52 0.48 5.03
CA MET C 48 -10.69 -0.71 5.09
C MET C 48 -10.85 -1.51 3.82
N SER C 49 -9.83 -2.33 3.56
CA SER C 49 -9.91 -3.39 2.57
C SER C 49 -9.25 -4.62 3.17
N GLY C 50 -9.40 -5.75 2.48
CA GLY C 50 -8.93 -6.99 3.06
C GLY C 50 -9.54 -7.28 4.41
N ALA C 51 -10.74 -6.75 4.67
CA ALA C 51 -11.47 -6.95 5.91
C ALA C 51 -10.94 -6.10 7.06
N SER C 52 -9.62 -5.90 7.13
CA SER C 52 -9.03 -5.33 8.34
C SER C 52 -7.92 -4.31 8.10
N VAL C 53 -7.52 -4.05 6.86
CA VAL C 53 -6.37 -3.19 6.58
C VAL C 53 -6.88 -1.76 6.43
N LEU C 54 -6.47 -0.89 7.35
CA LEU C 54 -6.91 0.50 7.35
C LEU C 54 -6.20 1.30 6.26
N GLU C 55 -6.93 2.20 5.64
CA GLU C 55 -6.33 3.20 4.77
C GLU C 55 -5.61 4.26 5.60
N SER C 56 -4.57 4.83 5.03
CA SER C 56 -3.88 5.95 5.66
C SER C 56 -4.88 7.07 5.96
N GLY C 57 -4.82 7.60 7.18
CA GLY C 57 -5.66 8.70 7.57
C GLY C 57 -6.96 8.31 8.26
N VAL C 58 -7.30 7.03 8.30
CA VAL C 58 -8.51 6.56 8.95
C VAL C 58 -8.18 6.30 10.42
N PRO C 59 -8.84 6.99 11.37
CA PRO C 59 -8.48 6.81 12.78
C PRO C 59 -8.52 5.35 13.20
N SER C 60 -7.55 4.96 14.04
CA SER C 60 -7.40 3.57 14.44
C SER C 60 -8.50 3.09 15.37
N ARG C 61 -9.40 3.96 15.82
CA ARG C 61 -10.57 3.48 16.55
C ARG C 61 -11.46 2.61 15.65
N PHE C 62 -11.30 2.71 14.34
CA PHE C 62 -11.94 1.78 13.41
C PHE C 62 -11.11 0.51 13.30
N SER C 63 -11.79 -0.63 13.26
CA SER C 63 -11.12 -1.90 13.06
C SER C 63 -12.12 -2.91 12.52
N GLY C 64 -11.66 -3.73 11.58
CA GLY C 64 -12.50 -4.74 10.96
C GLY C 64 -11.99 -6.13 11.29
N SER C 65 -12.90 -7.10 11.26
CA SER C 65 -12.58 -8.48 11.56
C SER C 65 -13.43 -9.39 10.67
N GLY C 66 -13.13 -10.67 10.72
CA GLY C 66 -13.97 -11.67 10.09
C GLY C 66 -13.30 -12.28 8.86
N SER C 67 -13.85 -13.42 8.45
CA SER C 67 -13.35 -14.14 7.29
C SER C 67 -14.48 -15.00 6.75
N GLY C 68 -14.49 -15.21 5.43
CA GLY C 68 -15.44 -16.12 4.82
C GLY C 68 -16.78 -15.50 4.50
N THR C 69 -17.72 -15.54 5.45
CA THR C 69 -19.10 -15.13 5.22
C THR C 69 -19.58 -14.01 6.13
N GLU C 70 -19.02 -13.87 7.33
CA GLU C 70 -19.44 -12.84 8.27
C GLU C 70 -18.28 -11.92 8.59
N PHE C 71 -18.57 -10.62 8.67
CA PHE C 71 -17.56 -9.60 8.87
C PHE C 71 -18.12 -8.53 9.80
N THR C 72 -17.22 -7.89 10.55
CA THR C 72 -17.61 -6.90 11.55
C THR C 72 -16.75 -5.65 11.42
N LEU C 73 -17.40 -4.49 11.38
CA LEU C 73 -16.74 -3.20 11.50
C LEU C 73 -17.01 -2.68 12.91
N THR C 74 -15.94 -2.37 13.65
CA THR C 74 -16.04 -1.95 15.03
C THR C 74 -15.47 -0.55 15.19
N ILE C 75 -16.13 0.27 16.00
CA ILE C 75 -15.63 1.58 16.40
C ILE C 75 -15.48 1.53 17.92
N SER C 76 -14.24 1.59 18.40
CA SER C 76 -14.00 1.39 19.83
C SER C 76 -14.63 2.49 20.66
N SER C 77 -14.47 3.75 20.25
CA SER C 77 -15.04 4.88 20.99
C SER C 77 -15.59 5.86 19.98
N LEU C 78 -16.92 5.93 19.88
CA LEU C 78 -17.59 6.75 18.88
C LEU C 78 -17.28 8.22 19.09
N GLN C 79 -16.90 8.91 18.02
CA GLN C 79 -16.65 10.33 18.02
C GLN C 79 -17.68 11.05 17.15
N PRO C 80 -17.85 12.36 17.32
CA PRO C 80 -18.92 13.07 16.58
C PRO C 80 -18.89 12.87 15.08
N ASP C 81 -17.71 12.78 14.47
CA ASP C 81 -17.61 12.63 13.03
C ASP C 81 -18.09 11.27 12.55
N ASP C 82 -18.17 10.28 13.44
CA ASP C 82 -18.44 8.90 13.05
C ASP C 82 -19.92 8.64 12.75
N PHE C 83 -20.81 9.59 13.05
CA PHE C 83 -22.23 9.42 12.73
C PHE C 83 -22.40 9.64 11.24
N ALA C 84 -22.73 8.57 10.52
CA ALA C 84 -22.81 8.56 9.07
C ALA C 84 -23.41 7.22 8.65
N THR C 85 -23.33 6.92 7.36
CA THR C 85 -23.80 5.65 6.83
C THR C 85 -22.60 4.83 6.38
N TYR C 86 -22.64 3.53 6.69
CA TYR C 86 -21.52 2.63 6.44
C TYR C 86 -21.97 1.52 5.51
N TYR C 87 -21.16 1.27 4.47
CA TYR C 87 -21.43 0.24 3.47
C TYR C 87 -20.30 -0.77 3.46
N CYS C 88 -20.64 -2.03 3.27
CA CYS C 88 -19.66 -3.07 2.99
C CYS C 88 -19.72 -3.44 1.51
N GLN C 89 -18.63 -4.02 1.03
CA GLN C 89 -18.51 -4.34 -0.39
C GLN C 89 -17.53 -5.51 -0.54
N HIS C 90 -17.94 -6.52 -1.30
CA HIS C 90 -17.06 -7.64 -1.61
C HIS C 90 -16.34 -7.38 -2.92
N TYR C 91 -15.12 -7.90 -3.02
CA TYR C 91 -14.40 -7.95 -4.29
C TYR C 91 -13.85 -9.35 -4.52
N ASN C 92 -14.74 -10.33 -4.38
CA ASN C 92 -14.43 -11.71 -4.76
C ASN C 92 -14.37 -11.88 -6.28
N SER C 93 -14.96 -10.97 -7.03
CA SER C 93 -14.89 -10.99 -8.49
C SER C 93 -14.94 -9.55 -8.99
N TYR C 94 -14.93 -9.40 -10.33
CA TYR C 94 -15.06 -8.07 -10.92
C TYR C 94 -16.42 -7.46 -10.60
N PHE C 95 -17.46 -8.29 -10.52
CA PHE C 95 -18.84 -7.81 -10.43
C PHE C 95 -19.21 -7.63 -8.96
N VAL C 96 -18.79 -6.50 -8.42
CA VAL C 96 -18.91 -6.25 -6.99
C VAL C 96 -20.33 -5.82 -6.64
N THR C 97 -20.69 -6.01 -5.38
CA THR C 97 -21.96 -5.55 -4.85
C THR C 97 -21.74 -4.99 -3.45
N PHE C 98 -22.60 -4.07 -3.07
CA PHE C 98 -22.57 -3.42 -1.77
C PHE C 98 -23.67 -3.97 -0.88
N GLY C 99 -23.46 -3.85 0.43
CA GLY C 99 -24.56 -3.98 1.36
C GLY C 99 -25.49 -2.79 1.26
N GLN C 100 -26.67 -2.92 1.85
CA GLN C 100 -27.66 -1.85 1.76
C GLN C 100 -27.29 -0.64 2.59
N GLY C 101 -26.31 -0.75 3.48
CA GLY C 101 -25.87 0.38 4.28
C GLY C 101 -26.38 0.30 5.70
N THR C 102 -25.58 0.84 6.63
CA THR C 102 -25.97 0.97 8.04
C THR C 102 -25.80 2.42 8.44
N LYS C 103 -26.88 3.05 8.88
CA LYS C 103 -26.82 4.43 9.35
C LYS C 103 -26.65 4.45 10.86
N VAL C 104 -25.67 5.21 11.32
CA VAL C 104 -25.38 5.37 12.74
C VAL C 104 -25.88 6.74 13.16
N GLU C 105 -26.93 6.76 13.96
CA GLU C 105 -27.56 8.00 14.39
C GLU C 105 -27.39 8.19 15.90
N ILE C 106 -27.70 9.40 16.35
CA ILE C 106 -27.45 9.81 17.73
C ILE C 106 -28.62 9.39 18.60
N LYS C 107 -28.34 8.68 19.68
CA LYS C 107 -29.37 8.32 20.65
C LYS C 107 -29.59 9.46 21.62
N ARG C 108 -30.86 9.69 21.97
CA ARG C 108 -31.23 10.71 22.94
C ARG C 108 -32.51 10.25 23.64
N THR C 109 -33.02 11.12 24.51
CA THR C 109 -34.24 10.79 25.24
C THR C 109 -35.45 10.93 24.33
N VAL C 110 -36.51 10.18 24.67
CA VAL C 110 -37.75 10.28 23.91
C VAL C 110 -38.27 11.70 23.98
N ALA C 111 -38.77 12.19 22.84
CA ALA C 111 -39.37 13.52 22.76
C ALA C 111 -40.58 13.43 21.87
N ALA C 112 -41.74 13.82 22.38
CA ALA C 112 -42.95 13.76 21.61
C ALA C 112 -43.03 14.93 20.64
N PRO C 113 -43.67 14.74 19.48
CA PRO C 113 -43.75 15.84 18.51
C PRO C 113 -44.75 16.90 18.92
N SER C 114 -44.45 18.14 18.54
CA SER C 114 -45.43 19.21 18.53
C SER C 114 -46.12 19.21 17.17
N VAL C 115 -47.46 19.17 17.18
CA VAL C 115 -48.25 18.97 15.98
C VAL C 115 -48.93 20.27 15.60
N PHE C 116 -48.81 20.64 14.32
CA PHE C 116 -49.46 21.82 13.76
C PHE C 116 -50.12 21.43 12.44
N ILE C 117 -51.29 22.00 12.16
CA ILE C 117 -51.98 21.77 10.90
C ILE C 117 -52.20 23.11 10.21
N PHE C 118 -52.03 23.13 8.90
CA PHE C 118 -52.13 24.34 8.11
C PHE C 118 -53.18 24.18 7.02
N PRO C 119 -54.19 25.03 6.93
CA PRO C 119 -55.14 24.94 5.82
C PRO C 119 -54.49 25.41 4.52
N PRO C 120 -55.11 25.10 3.38
CA PRO C 120 -54.63 25.69 2.12
C PRO C 120 -54.85 27.19 2.12
N SER C 121 -53.90 27.92 1.53
CA SER C 121 -54.05 29.35 1.39
C SER C 121 -55.15 29.66 0.38
N ASP C 122 -55.67 30.88 0.45
CA ASP C 122 -56.62 31.33 -0.57
C ASP C 122 -55.92 31.58 -1.89
N GLU C 123 -54.63 31.95 -1.86
CA GLU C 123 -53.87 32.06 -3.09
C GLU C 123 -53.90 30.76 -3.88
N GLN C 124 -53.71 29.63 -3.19
CA GLN C 124 -53.64 28.35 -3.90
C GLN C 124 -55.02 27.92 -4.39
N LEU C 125 -56.06 28.09 -3.58
CA LEU C 125 -57.39 27.65 -3.97
C LEU C 125 -57.82 28.25 -5.30
N LYS C 126 -57.37 29.47 -5.60
CA LYS C 126 -57.68 30.10 -6.87
C LYS C 126 -57.12 29.35 -8.07
N SER C 127 -56.26 28.34 -7.84
CA SER C 127 -55.63 27.62 -8.93
C SER C 127 -56.27 26.25 -9.20
N GLY C 128 -57.12 25.76 -8.31
CA GLY C 128 -57.80 24.49 -8.51
C GLY C 128 -57.31 23.35 -7.65
N THR C 129 -56.32 23.55 -6.81
CA THR C 129 -55.83 22.51 -5.91
C THR C 129 -55.74 23.07 -4.50
N ALA C 130 -55.82 22.17 -3.52
CA ALA C 130 -55.72 22.52 -2.11
C ALA C 130 -54.74 21.58 -1.43
N SER C 131 -53.75 22.15 -0.74
CA SER C 131 -52.75 21.38 -0.01
C SER C 131 -52.94 21.63 1.48
N VAL C 132 -53.16 20.56 2.23
CA VAL C 132 -53.25 20.61 3.68
C VAL C 132 -51.97 20.02 4.26
N VAL C 133 -51.32 20.77 5.14
CA VAL C 133 -50.00 20.40 5.65
C VAL C 133 -50.11 20.14 7.14
N CYS C 134 -49.43 19.07 7.59
CA CYS C 134 -49.38 18.68 9.00
C CYS C 134 -47.92 18.58 9.39
N LEU C 135 -47.53 19.34 10.41
CA LEU C 135 -46.14 19.44 10.84
C LEU C 135 -45.94 18.71 12.16
N LEU C 136 -44.95 17.82 12.19
CA LEU C 136 -44.49 17.15 13.41
C LEU C 136 -43.09 17.67 13.71
N ASN C 137 -42.94 18.40 14.82
CA ASN C 137 -41.73 19.16 15.09
C ASN C 137 -40.97 18.56 16.28
N ASN C 138 -39.68 18.30 16.08
CA ASN C 138 -38.73 17.98 17.15
C ASN C 138 -39.22 16.80 17.99
N PHE C 139 -39.19 15.62 17.38
CA PHE C 139 -39.54 14.40 18.07
C PHE C 139 -38.40 13.38 17.94
N TYR C 140 -38.42 12.41 18.85
CA TYR C 140 -37.47 11.30 18.83
C TYR C 140 -38.10 10.15 19.58
N PRO C 141 -37.99 8.90 19.11
CA PRO C 141 -37.26 8.47 17.91
C PRO C 141 -37.94 8.84 16.59
N ARG C 142 -37.34 8.39 15.49
CA ARG C 142 -37.76 8.81 14.16
C ARG C 142 -39.13 8.25 13.79
N GLU C 143 -39.50 7.10 14.34
CA GLU C 143 -40.71 6.41 13.93
C GLU C 143 -41.94 7.21 14.36
N ALA C 144 -42.77 7.59 13.40
CA ALA C 144 -44.00 8.32 13.68
C ALA C 144 -45.00 8.04 12.58
N LYS C 145 -46.29 8.18 12.92
CA LYS C 145 -47.38 7.84 12.01
C LYS C 145 -48.35 9.01 11.92
N VAL C 146 -48.76 9.33 10.71
CA VAL C 146 -49.70 10.43 10.44
C VAL C 146 -50.90 9.86 9.70
N GLN C 147 -52.09 10.07 10.25
CA GLN C 147 -53.34 9.73 9.58
C GLN C 147 -54.09 11.02 9.24
N TRP C 148 -54.57 11.12 8.01
CA TRP C 148 -55.42 12.21 7.58
C TRP C 148 -56.88 11.77 7.60
N LYS C 149 -57.76 12.65 8.04
CA LYS C 149 -59.19 12.40 8.01
C LYS C 149 -59.91 13.66 7.54
N VAL C 150 -60.81 13.49 6.57
CA VAL C 150 -61.65 14.57 6.05
C VAL C 150 -63.10 14.18 6.30
N ASP C 151 -63.76 14.87 7.21
CA ASP C 151 -65.09 14.50 7.66
C ASP C 151 -65.12 13.04 8.10
N ASN C 152 -64.13 12.66 8.90
CA ASN C 152 -63.94 11.32 9.45
C ASN C 152 -63.62 10.28 8.39
N ALA C 153 -63.35 10.69 7.15
CA ALA C 153 -62.99 9.77 6.08
C ALA C 153 -61.47 9.65 6.01
N LEU C 154 -60.96 8.45 6.27
CA LEU C 154 -59.52 8.23 6.22
C LEU C 154 -59.00 8.44 4.80
N GLN C 155 -57.94 9.23 4.68
CA GLN C 155 -57.31 9.49 3.39
C GLN C 155 -56.10 8.58 3.23
N SER C 156 -56.06 7.87 2.11
CA SER C 156 -54.99 6.91 1.86
C SER C 156 -54.52 7.03 0.42
N GLY C 157 -53.21 7.22 0.24
CA GLY C 157 -52.60 7.27 -1.08
C GLY C 157 -52.54 8.66 -1.69
N ASN C 158 -53.12 9.67 -1.05
CA ASN C 158 -53.15 11.03 -1.58
C ASN C 158 -52.38 12.00 -0.70
N SER C 159 -51.40 11.50 0.06
CA SER C 159 -50.53 12.35 0.86
C SER C 159 -49.08 11.88 0.69
N GLN C 160 -48.15 12.78 0.98
CA GLN C 160 -46.73 12.49 0.88
C GLN C 160 -46.00 13.04 2.09
N GLU C 161 -44.96 12.33 2.53
CA GLU C 161 -44.24 12.66 3.75
C GLU C 161 -42.80 13.05 3.41
N SER C 162 -42.22 13.85 4.30
CA SER C 162 -40.81 14.20 4.22
C SER C 162 -40.27 14.40 5.63
N VAL C 163 -39.09 13.85 5.89
CA VAL C 163 -38.49 13.86 7.21
C VAL C 163 -37.11 14.52 7.12
N THR C 164 -36.78 15.33 8.12
CA THR C 164 -35.46 15.95 8.18
C THR C 164 -34.44 14.99 8.76
N GLU C 165 -33.17 15.30 8.51
CA GLU C 165 -32.09 14.61 9.21
C GLU C 165 -32.12 15.00 10.68
N GLN C 166 -31.36 14.26 11.49
CA GLN C 166 -31.27 14.59 12.91
C GLN C 166 -30.76 16.02 13.08
N ASP C 167 -31.51 16.81 13.84
CA ASP C 167 -31.11 18.19 14.10
C ASP C 167 -29.70 18.22 14.69
N SER C 168 -28.93 19.22 14.29
CA SER C 168 -27.54 19.31 14.71
C SER C 168 -27.37 19.78 16.15
N LYS C 169 -28.39 20.42 16.73
CA LYS C 169 -28.30 20.91 18.11
C LYS C 169 -28.92 19.95 19.12
N ASP C 170 -30.13 19.45 18.86
CA ASP C 170 -30.83 18.60 19.81
C ASP C 170 -31.10 17.18 19.30
N SER C 171 -30.65 16.84 18.09
CA SER C 171 -30.69 15.47 17.60
C SER C 171 -32.11 14.94 17.46
N THR C 172 -33.08 15.81 17.20
CA THR C 172 -34.45 15.40 16.97
C THR C 172 -34.76 15.37 15.48
N TYR C 173 -35.94 14.84 15.17
CA TYR C 173 -36.45 14.79 13.81
C TYR C 173 -37.67 15.69 13.68
N SER C 174 -37.96 16.07 12.44
CA SER C 174 -39.18 16.78 12.10
C SER C 174 -39.75 16.17 10.83
N LEU C 175 -41.08 16.14 10.75
CA LEU C 175 -41.78 15.51 9.64
C LEU C 175 -42.85 16.47 9.11
N SER C 176 -42.99 16.48 7.79
CA SER C 176 -44.00 17.29 7.12
C SER C 176 -44.82 16.38 6.20
N SER C 177 -46.13 16.39 6.37
CA SER C 177 -47.05 15.61 5.55
C SER C 177 -47.99 16.56 4.83
N THR C 178 -48.18 16.33 3.54
CA THR C 178 -49.04 17.16 2.70
C THR C 178 -50.17 16.31 2.16
N LEU C 179 -51.41 16.75 2.38
CA LEU C 179 -52.58 16.13 1.79
C LEU C 179 -53.01 16.93 0.57
N THR C 180 -53.06 16.27 -0.58
CA THR C 180 -53.45 16.91 -1.82
C THR C 180 -54.90 16.55 -2.13
N LEU C 181 -55.74 17.58 -2.29
CA LEU C 181 -57.12 17.41 -2.70
C LEU C 181 -57.42 18.40 -3.82
N SER C 182 -58.46 18.11 -4.58
CA SER C 182 -58.96 19.08 -5.55
C SER C 182 -59.69 20.20 -4.82
N LYS C 183 -59.73 21.36 -5.45
CA LYS C 183 -60.45 22.49 -4.86
C LYS C 183 -61.91 22.15 -4.64
N ALA C 184 -62.52 21.39 -5.57
CA ALA C 184 -63.92 21.04 -5.43
C ALA C 184 -64.15 20.10 -4.25
N ASP C 185 -63.28 19.09 -4.09
CA ASP C 185 -63.42 18.17 -2.96
C ASP C 185 -63.15 18.88 -1.64
N TYR C 186 -62.23 19.85 -1.64
CA TYR C 186 -61.94 20.59 -0.41
C TYR C 186 -63.16 21.41 0.04
N GLU C 187 -63.94 21.92 -0.91
CA GLU C 187 -65.08 22.75 -0.57
C GLU C 187 -66.30 21.96 -0.10
N LYS C 188 -66.34 20.66 -0.39
CA LYS C 188 -67.48 19.83 -0.01
C LYS C 188 -67.38 19.30 1.42
N HIS C 189 -66.31 19.62 2.16
CA HIS C 189 -66.08 19.02 3.46
C HIS C 189 -65.65 20.08 4.46
N LYS C 190 -65.91 19.81 5.74
CA LYS C 190 -65.70 20.77 6.81
C LYS C 190 -64.44 20.46 7.62
N VAL C 191 -64.39 19.29 8.23
CA VAL C 191 -63.39 18.98 9.25
C VAL C 191 -62.17 18.36 8.57
N TYR C 192 -61.00 18.95 8.80
CA TYR C 192 -59.73 18.45 8.29
C TYR C 192 -58.81 18.22 9.48
N ALA C 193 -58.40 16.98 9.68
CA ALA C 193 -57.64 16.59 10.87
C ALA C 193 -56.51 15.67 10.49
N CYS C 194 -55.36 15.85 11.13
CA CYS C 194 -54.27 14.89 11.07
C CYS C 194 -54.02 14.37 12.48
N GLU C 195 -53.99 13.04 12.61
CA GLU C 195 -53.80 12.36 13.89
C GLU C 195 -52.41 11.74 13.91
N VAL C 196 -51.67 11.98 14.99
CA VAL C 196 -50.27 11.59 15.09
C VAL C 196 -50.11 10.55 16.19
N THR C 197 -49.33 9.51 15.89
CA THR C 197 -48.96 8.49 16.87
C THR C 197 -47.44 8.45 17.01
N HIS C 198 -46.96 8.40 18.25
CA HIS C 198 -45.54 8.42 18.51
C HIS C 198 -45.27 7.88 19.90
N GLN C 199 -44.12 7.24 20.06
CA GLN C 199 -43.76 6.61 21.33
C GLN C 199 -43.89 7.59 22.49
N GLY C 200 -43.52 8.85 22.29
CA GLY C 200 -43.56 9.84 23.33
C GLY C 200 -44.93 10.38 23.67
N LEU C 201 -45.99 9.87 23.05
CA LEU C 201 -47.34 10.32 23.27
C LEU C 201 -48.13 9.21 23.94
N SER C 202 -48.65 9.47 25.14
CA SER C 202 -49.48 8.50 25.83
C SER C 202 -50.60 8.00 24.94
N SER C 203 -51.25 8.91 24.22
CA SER C 203 -52.29 8.56 23.26
C SER C 203 -52.11 9.44 22.02
N PRO C 204 -52.64 9.01 20.88
CA PRO C 204 -52.53 9.83 19.67
C PRO C 204 -53.10 11.22 19.90
N VAL C 205 -52.49 12.20 19.22
CA VAL C 205 -52.94 13.59 19.29
C VAL C 205 -53.48 13.98 17.92
N THR C 206 -54.56 14.75 17.92
CA THR C 206 -55.21 15.19 16.69
C THR C 206 -55.24 16.71 16.65
N LYS C 207 -54.80 17.27 15.53
CA LYS C 207 -54.98 18.68 15.23
C LYS C 207 -55.90 18.82 14.03
N SER C 208 -56.86 19.74 14.13
CA SER C 208 -57.88 19.86 13.10
C SER C 208 -58.30 21.31 12.96
N PHE C 209 -58.93 21.61 11.83
CA PHE C 209 -59.58 22.89 11.62
C PHE C 209 -60.85 22.65 10.82
N ASN C 210 -61.74 23.63 10.85
CA ASN C 210 -62.94 23.63 10.05
C ASN C 210 -62.76 24.63 8.92
N ARG C 211 -63.03 24.19 7.69
CA ARG C 211 -62.75 24.99 6.51
C ARG C 211 -63.37 26.38 6.63
N GLY C 212 -62.56 27.41 6.38
CA GLY C 212 -63.04 28.78 6.37
C GLY C 212 -63.31 29.37 7.74
N GLU C 213 -63.56 28.51 8.72
CA GLU C 213 -63.94 28.95 10.06
C GLU C 213 -62.72 29.32 10.88
N GLN D 1 -2.40 17.96 -5.80
CA GLN D 1 -3.68 17.48 -5.20
C GLN D 1 -4.39 16.50 -6.12
N MET D 2 -4.81 15.38 -5.55
CA MET D 2 -5.59 14.38 -6.28
C MET D 2 -7.03 14.85 -6.41
N GLN D 3 -7.55 14.85 -7.63
CA GLN D 3 -8.97 15.14 -7.82
C GLN D 3 -9.50 14.42 -9.04
N LEU D 4 -10.81 14.16 -9.01
CA LEU D 4 -11.56 13.56 -10.10
C LEU D 4 -12.75 14.47 -10.36
N VAL D 5 -12.73 15.17 -11.49
CA VAL D 5 -13.76 16.16 -11.82
C VAL D 5 -14.72 15.54 -12.83
N GLU D 6 -15.98 15.41 -12.46
CA GLU D 6 -17.00 14.83 -13.30
C GLU D 6 -17.90 15.90 -13.89
N SER D 7 -18.48 15.61 -15.04
CA SER D 7 -19.34 16.56 -15.73
C SER D 7 -20.16 15.79 -16.77
N GLY D 8 -21.05 16.50 -17.45
CA GLY D 8 -21.90 15.93 -18.46
C GLY D 8 -23.26 15.47 -17.98
N GLY D 9 -23.52 15.55 -16.68
CA GLY D 9 -24.82 15.16 -16.15
C GLY D 9 -25.87 16.24 -16.35
N GLY D 10 -27.06 15.96 -15.83
CA GLY D 10 -28.18 16.87 -15.92
C GLY D 10 -29.45 16.11 -16.21
N VAL D 11 -30.48 16.83 -16.64
CA VAL D 11 -31.76 16.22 -16.99
C VAL D 11 -31.67 15.67 -18.41
N VAL D 12 -32.15 14.45 -18.58
CA VAL D 12 -32.18 13.79 -19.88
C VAL D 12 -33.52 13.07 -20.02
N GLN D 13 -34.00 12.97 -21.25
CA GLN D 13 -35.32 12.38 -21.44
C GLN D 13 -35.24 10.88 -21.62
N PRO D 14 -36.24 10.15 -21.13
CA PRO D 14 -36.22 8.69 -21.26
C PRO D 14 -36.03 8.25 -22.71
N GLY D 15 -35.25 7.18 -22.90
CA GLY D 15 -34.92 6.69 -24.21
C GLY D 15 -33.76 7.39 -24.88
N ARG D 16 -33.33 8.54 -24.37
CA ARG D 16 -32.26 9.31 -24.99
C ARG D 16 -30.91 8.88 -24.44
N SER D 17 -29.86 9.48 -24.98
CA SER D 17 -28.48 9.13 -24.63
C SER D 17 -27.82 10.31 -23.90
N LEU D 18 -26.66 10.01 -23.31
CA LEU D 18 -25.91 11.01 -22.57
C LEU D 18 -24.52 10.46 -22.27
N ARG D 19 -23.51 11.32 -22.30
CA ARG D 19 -22.14 10.94 -22.02
C ARG D 19 -21.64 11.68 -20.79
N LEU D 20 -21.15 10.94 -19.82
CA LEU D 20 -20.52 11.50 -18.64
C LEU D 20 -19.01 11.53 -18.82
N SER D 21 -18.39 12.56 -18.26
CA SER D 21 -16.94 12.70 -18.26
C SER D 21 -16.43 12.73 -16.84
N CYS D 22 -15.18 12.30 -16.67
CA CYS D 22 -14.49 12.38 -15.38
C CYS D 22 -13.02 12.62 -15.67
N THR D 23 -12.52 13.79 -15.28
CA THR D 23 -11.16 14.22 -15.58
C THR D 23 -10.30 14.11 -14.33
N ALA D 24 -9.14 13.48 -14.47
CA ALA D 24 -8.26 13.20 -13.35
C ALA D 24 -7.05 14.11 -13.37
N SER D 25 -6.57 14.46 -12.17
CA SER D 25 -5.33 15.21 -12.02
C SER D 25 -4.69 14.83 -10.71
N GLY D 26 -3.39 15.07 -10.61
CA GLY D 26 -2.64 14.79 -9.40
C GLY D 26 -2.18 13.36 -9.24
N PHE D 27 -2.42 12.48 -10.22
CA PHE D 27 -1.88 11.13 -10.20
C PHE D 27 -1.79 10.63 -11.63
N THR D 28 -1.18 9.45 -11.79
CA THR D 28 -0.95 8.87 -13.12
C THR D 28 -2.19 8.09 -13.53
N PHE D 29 -3.07 8.77 -14.27
CA PHE D 29 -4.34 8.18 -14.69
C PHE D 29 -4.12 6.87 -15.45
N SER D 30 -3.05 6.79 -16.24
CA SER D 30 -2.88 5.70 -17.21
C SER D 30 -2.42 4.39 -16.60
N THR D 31 -2.14 4.33 -15.29
CA THR D 31 -1.70 3.11 -14.65
C THR D 31 -2.78 2.49 -13.77
N TYR D 32 -4.01 3.00 -13.81
CA TYR D 32 -5.07 2.55 -12.93
C TYR D 32 -6.30 2.16 -13.73
N ALA D 33 -6.92 1.05 -13.33
CA ALA D 33 -8.29 0.77 -13.76
C ALA D 33 -9.22 1.78 -13.10
N MET D 34 -10.30 2.11 -13.80
CA MET D 34 -11.23 3.13 -13.35
C MET D 34 -12.65 2.59 -13.40
N HIS D 35 -13.47 2.98 -12.42
CA HIS D 35 -14.82 2.47 -12.26
C HIS D 35 -15.83 3.61 -12.31
N TRP D 36 -17.07 3.24 -12.61
CA TRP D 36 -18.22 4.09 -12.39
C TRP D 36 -19.12 3.43 -11.35
N VAL D 37 -19.53 4.19 -10.35
CA VAL D 37 -20.43 3.73 -9.30
C VAL D 37 -21.53 4.77 -9.17
N ARG D 38 -22.77 4.30 -9.03
CA ARG D 38 -23.91 5.21 -8.96
C ARG D 38 -24.72 4.97 -7.70
N GLN D 39 -25.48 6.00 -7.32
CA GLN D 39 -26.32 5.97 -6.12
C GLN D 39 -27.59 6.75 -6.42
N SER D 40 -28.72 6.09 -6.40
CA SER D 40 -29.97 6.80 -6.61
C SER D 40 -30.37 7.54 -5.34
N PRO D 41 -31.12 8.63 -5.46
CA PRO D 41 -31.46 9.43 -4.27
C PRO D 41 -32.11 8.57 -3.19
N GLY D 42 -31.62 8.72 -1.96
CA GLY D 42 -32.13 7.98 -0.82
C GLY D 42 -31.73 6.52 -0.77
N GLN D 43 -30.88 6.06 -1.69
CA GLN D 43 -30.59 4.64 -1.86
C GLN D 43 -29.11 4.38 -1.60
N GLY D 44 -28.70 3.14 -1.84
CA GLY D 44 -27.34 2.70 -1.62
C GLY D 44 -26.50 2.78 -2.88
N LEU D 45 -25.31 2.18 -2.78
CA LEU D 45 -24.34 2.23 -3.87
C LEU D 45 -24.48 1.01 -4.78
N GLN D 46 -24.17 1.23 -6.06
CA GLN D 46 -24.22 0.17 -7.05
C GLN D 46 -23.10 0.37 -8.07
N TRP D 47 -22.27 -0.66 -8.24
CA TRP D 47 -21.19 -0.62 -9.22
C TRP D 47 -21.76 -0.74 -10.62
N VAL D 48 -21.20 0.04 -11.55
CA VAL D 48 -21.72 0.13 -12.92
C VAL D 48 -20.78 -0.55 -13.91
N ALA D 49 -19.53 -0.11 -14.00
CA ALA D 49 -18.60 -0.67 -14.98
C ALA D 49 -17.17 -0.34 -14.57
N VAL D 50 -16.23 -1.06 -15.19
CA VAL D 50 -14.81 -0.86 -14.99
C VAL D 50 -14.12 -0.92 -16.35
N ILE D 51 -12.99 -0.23 -16.46
CA ILE D 51 -12.14 -0.29 -17.63
C ILE D 51 -10.69 -0.39 -17.17
N SER D 52 -9.94 -1.30 -17.80
CA SER D 52 -8.55 -1.52 -17.42
C SER D 52 -7.70 -0.33 -17.85
N TYR D 53 -6.43 -0.36 -17.45
CA TYR D 53 -5.58 0.82 -17.61
C TYR D 53 -5.34 1.15 -19.08
N HIS D 54 -5.25 0.14 -19.95
CA HIS D 54 -5.09 0.34 -21.38
C HIS D 54 -6.32 -0.08 -22.18
N SER D 55 -7.50 -0.10 -21.53
CA SER D 55 -8.80 -0.26 -22.18
C SER D 55 -9.04 -1.66 -22.75
N THR D 56 -8.16 -2.63 -22.46
CA THR D 56 -8.36 -3.96 -23.04
C THR D 56 -9.56 -4.67 -22.41
N ASN D 57 -9.81 -4.44 -21.13
CA ASN D 57 -10.85 -5.14 -20.40
C ASN D 57 -11.92 -4.15 -19.96
N LYS D 58 -13.17 -4.48 -20.26
CA LYS D 58 -14.32 -3.68 -19.86
C LYS D 58 -15.39 -4.63 -19.34
N TYR D 59 -15.93 -4.32 -18.16
CA TYR D 59 -16.98 -5.12 -17.55
C TYR D 59 -18.10 -4.21 -17.08
N TYR D 60 -19.32 -4.76 -17.11
CA TYR D 60 -20.52 -4.00 -16.77
C TYR D 60 -21.40 -4.84 -15.85
N GLU D 61 -22.18 -4.16 -15.03
CA GLU D 61 -23.20 -4.85 -14.25
C GLU D 61 -24.35 -5.26 -15.15
N ASP D 62 -25.17 -6.19 -14.64
CA ASP D 62 -26.24 -6.77 -15.45
C ASP D 62 -27.15 -5.68 -16.02
N SER D 63 -27.65 -4.79 -15.15
CA SER D 63 -28.73 -3.89 -15.54
C SER D 63 -28.35 -2.92 -16.64
N VAL D 64 -27.06 -2.73 -16.91
CA VAL D 64 -26.62 -1.77 -17.93
C VAL D 64 -25.89 -2.43 -19.09
N ARG D 65 -25.55 -3.71 -19.01
CA ARG D 65 -24.79 -4.34 -20.08
C ARG D 65 -25.60 -4.33 -21.37
N GLY D 66 -25.01 -3.74 -22.42
CA GLY D 66 -25.67 -3.57 -23.69
C GLY D 66 -26.18 -2.15 -23.95
N ARG D 67 -26.39 -1.37 -22.89
CA ARG D 67 -26.83 0.02 -23.01
C ARG D 67 -25.72 1.02 -22.70
N PHE D 68 -24.87 0.71 -21.72
CA PHE D 68 -23.79 1.59 -21.32
C PHE D 68 -22.48 1.15 -21.97
N THR D 69 -21.62 2.13 -22.23
CA THR D 69 -20.29 1.88 -22.77
C THR D 69 -19.29 2.73 -22.02
N ILE D 70 -18.22 2.11 -21.55
CA ILE D 70 -17.17 2.80 -20.80
C ILE D 70 -15.94 2.90 -21.68
N SER D 71 -15.21 4.00 -21.55
CA SER D 71 -13.98 4.20 -22.32
C SER D 71 -13.14 5.26 -21.63
N ARG D 72 -11.97 5.53 -22.20
CA ARG D 72 -11.03 6.47 -21.58
C ARG D 72 -10.09 6.98 -22.67
N ASP D 73 -9.51 8.15 -22.41
CA ASP D 73 -8.48 8.74 -23.25
C ASP D 73 -7.34 9.12 -22.33
N ASN D 74 -6.36 8.22 -22.18
CA ASN D 74 -5.27 8.45 -21.23
C ASN D 74 -4.51 9.73 -21.56
N SER D 75 -4.40 10.09 -22.83
CA SER D 75 -3.71 11.33 -23.20
C SER D 75 -4.42 12.55 -22.65
N LYS D 76 -5.73 12.47 -22.38
CA LYS D 76 -6.48 13.56 -21.77
C LYS D 76 -6.76 13.32 -20.29
N ASN D 77 -6.35 12.17 -19.73
CA ASN D 77 -6.65 11.83 -18.36
C ASN D 77 -8.15 11.89 -18.11
N THR D 78 -8.93 11.32 -19.04
CA THR D 78 -10.38 11.43 -19.00
C THR D 78 -11.03 10.04 -19.08
N LEU D 79 -12.07 9.87 -18.29
CA LEU D 79 -12.89 8.66 -18.29
C LEU D 79 -14.29 9.02 -18.76
N TYR D 80 -14.89 8.15 -19.57
CA TYR D 80 -16.20 8.40 -20.15
C TYR D 80 -17.17 7.27 -19.80
N LEU D 81 -18.45 7.63 -19.75
CA LEU D 81 -19.53 6.65 -19.69
C LEU D 81 -20.60 7.09 -20.68
N GLN D 82 -20.75 6.33 -21.77
CA GLN D 82 -21.80 6.58 -22.75
C GLN D 82 -23.03 5.79 -22.32
N MET D 83 -24.10 6.50 -21.96
CA MET D 83 -25.35 5.89 -21.52
C MET D 83 -26.38 6.05 -22.62
N ASN D 84 -26.94 4.93 -23.06
CA ASN D 84 -27.97 4.92 -24.10
C ASN D 84 -29.24 4.31 -23.54
N SER D 85 -30.35 4.55 -24.25
CA SER D 85 -31.65 3.97 -23.90
C SER D 85 -31.95 4.17 -22.42
N LEU D 86 -31.76 5.41 -21.96
CA LEU D 86 -31.85 5.70 -20.53
C LEU D 86 -33.26 5.48 -20.02
N ARG D 87 -33.35 4.96 -18.81
CA ARG D 87 -34.61 4.64 -18.16
C ARG D 87 -34.70 5.38 -16.83
N ALA D 88 -35.92 5.49 -16.30
CA ALA D 88 -36.10 6.13 -15.00
C ALA D 88 -35.24 5.48 -13.93
N GLU D 89 -34.90 4.20 -14.11
CA GLU D 89 -34.11 3.45 -13.15
C GLU D 89 -32.65 3.89 -13.14
N ASP D 90 -32.23 4.69 -14.11
CA ASP D 90 -30.86 5.16 -14.20
C ASP D 90 -30.64 6.49 -13.48
N THR D 91 -31.69 7.09 -12.93
CA THR D 91 -31.54 8.33 -12.19
C THR D 91 -30.68 8.09 -10.96
N ALA D 92 -29.59 8.85 -10.84
CA ALA D 92 -28.67 8.65 -9.74
C ALA D 92 -27.54 9.66 -9.83
N VAL D 93 -26.80 9.79 -8.73
CA VAL D 93 -25.49 10.43 -8.75
C VAL D 93 -24.49 9.40 -9.26
N TYR D 94 -23.70 9.79 -10.26
CA TYR D 94 -22.72 8.89 -10.86
C TYR D 94 -21.33 9.31 -10.40
N TYR D 95 -20.65 8.41 -9.70
CA TYR D 95 -19.29 8.62 -9.24
C TYR D 95 -18.31 7.88 -10.14
N CYS D 96 -17.18 8.51 -10.41
CA CYS D 96 -16.01 7.81 -10.94
C CYS D 96 -15.06 7.56 -9.79
N ALA D 97 -14.40 6.41 -9.83
CA ALA D 97 -13.56 5.98 -8.71
C ALA D 97 -12.32 5.29 -9.23
N ARG D 98 -11.20 5.56 -8.57
CA ARG D 98 -9.92 4.95 -8.91
C ARG D 98 -9.76 3.60 -8.20
N ASP D 99 -9.25 2.62 -8.94
CA ASP D 99 -8.95 1.30 -8.38
C ASP D 99 -7.47 1.28 -8.02
N GLY D 100 -7.14 1.92 -6.90
CA GLY D 100 -5.76 2.15 -6.55
C GLY D 100 -4.94 0.88 -6.35
N TYR D 101 -5.59 -0.19 -5.92
CA TYR D 101 -4.90 -1.46 -5.66
C TYR D 101 -5.13 -2.50 -6.74
N SER D 102 -5.77 -2.12 -7.85
CA SER D 102 -6.08 -3.05 -8.93
C SER D 102 -6.76 -4.30 -8.38
N SER D 103 -7.84 -4.09 -7.62
CA SER D 103 -8.50 -5.18 -6.91
C SER D 103 -10.01 -5.00 -6.85
N SER D 104 -10.59 -4.17 -7.70
CA SER D 104 -12.04 -3.99 -7.79
C SER D 104 -12.63 -3.43 -6.50
N PHE D 105 -11.88 -2.55 -5.84
CA PHE D 105 -12.45 -1.68 -4.81
C PHE D 105 -11.80 -0.31 -4.93
N PHE D 106 -12.38 0.67 -4.24
CA PHE D 106 -12.28 2.06 -4.64
C PHE D 106 -11.69 2.90 -3.51
N ASP D 107 -10.47 3.39 -3.72
CA ASP D 107 -9.75 4.15 -2.71
C ASP D 107 -9.85 5.66 -2.91
N PHE D 108 -10.36 6.12 -4.04
CA PHE D 108 -10.49 7.55 -4.28
C PHE D 108 -11.66 7.81 -5.22
N TRP D 109 -12.55 8.70 -4.82
CA TRP D 109 -13.78 8.98 -5.54
C TRP D 109 -13.84 10.45 -5.94
N GLY D 110 -14.47 10.70 -7.09
CA GLY D 110 -14.94 12.03 -7.40
C GLY D 110 -16.21 12.33 -6.64
N GLN D 111 -16.63 13.60 -6.67
CA GLN D 111 -17.78 14.02 -5.90
C GLN D 111 -19.10 13.79 -6.60
N GLY D 112 -19.08 13.20 -7.81
CA GLY D 112 -20.29 12.76 -8.45
C GLY D 112 -20.97 13.84 -9.27
N THR D 113 -21.76 13.38 -10.24
CA THR D 113 -22.59 14.25 -11.06
C THR D 113 -23.97 13.63 -11.17
N LEU D 114 -25.00 14.44 -11.00
CA LEU D 114 -26.37 13.92 -10.96
C LEU D 114 -26.92 13.76 -12.37
N VAL D 115 -27.60 12.64 -12.60
CA VAL D 115 -28.30 12.37 -13.84
C VAL D 115 -29.76 12.12 -13.50
N THR D 116 -30.65 12.95 -14.04
CA THR D 116 -32.09 12.84 -13.81
C THR D 116 -32.76 12.47 -15.12
N VAL D 117 -33.38 11.29 -15.15
CA VAL D 117 -34.11 10.83 -16.32
C VAL D 117 -35.57 11.21 -16.13
N SER D 118 -36.04 12.22 -16.88
CA SER D 118 -37.40 12.69 -16.72
C SER D 118 -37.83 13.40 -18.00
N SER D 119 -39.14 13.36 -18.26
CA SER D 119 -39.74 14.14 -19.34
C SER D 119 -40.29 15.48 -18.87
N ALA D 120 -40.33 15.71 -17.56
CA ALA D 120 -40.83 16.97 -17.03
C ALA D 120 -40.02 18.14 -17.56
N SER D 121 -40.64 19.31 -17.60
CA SER D 121 -40.05 20.51 -18.14
C SER D 121 -39.69 21.48 -17.02
N THR D 122 -38.66 22.29 -17.26
CA THR D 122 -38.25 23.29 -16.30
C THR D 122 -39.43 24.20 -15.93
N LYS D 123 -39.68 24.34 -14.64
CA LYS D 123 -40.80 25.14 -14.17
C LYS D 123 -40.46 25.69 -12.79
N GLY D 124 -40.75 26.97 -12.59
CA GLY D 124 -40.53 27.61 -11.30
C GLY D 124 -41.67 27.34 -10.34
N PRO D 125 -41.40 27.45 -9.05
CA PRO D 125 -42.41 27.09 -8.05
C PRO D 125 -43.40 28.20 -7.75
N SER D 126 -44.59 27.78 -7.33
CA SER D 126 -45.52 28.66 -6.64
C SER D 126 -45.24 28.58 -5.14
N VAL D 127 -45.21 29.75 -4.49
CA VAL D 127 -44.87 29.84 -3.08
C VAL D 127 -46.13 30.26 -2.34
N PHE D 128 -46.66 29.36 -1.51
CA PHE D 128 -47.88 29.62 -0.77
C PHE D 128 -47.59 29.71 0.73
N PRO D 129 -48.36 30.51 1.47
CA PRO D 129 -48.08 30.68 2.90
C PRO D 129 -48.72 29.59 3.74
N LEU D 130 -47.94 29.09 4.70
CA LEU D 130 -48.46 28.27 5.79
C LEU D 130 -48.62 29.21 6.99
N ALA D 131 -49.80 29.79 7.12
CA ALA D 131 -50.02 30.86 8.08
C ALA D 131 -50.20 30.29 9.49
N PRO D 132 -49.70 30.99 10.52
CA PRO D 132 -49.88 30.50 11.89
C PRO D 132 -51.33 30.59 12.32
N SER D 133 -51.77 29.62 13.12
CA SER D 133 -53.17 29.54 13.51
C SER D 133 -53.50 30.56 14.59
N SER D 134 -54.78 30.94 14.64
CA SER D 134 -55.25 31.88 15.65
C SER D 134 -55.32 31.25 17.03
N LYS D 135 -55.31 29.91 17.12
CA LYS D 135 -55.37 29.20 18.39
C LYS D 135 -53.98 28.88 18.94
N SER D 136 -52.94 29.54 18.44
CA SER D 136 -51.58 29.31 18.92
C SER D 136 -51.21 30.31 20.01
N GLY D 139 -49.72 32.13 23.83
CA GLY D 139 -48.93 32.34 25.03
C GLY D 139 -47.56 31.70 24.97
N GLY D 140 -47.39 30.74 24.06
CA GLY D 140 -46.15 29.99 23.97
C GLY D 140 -45.48 30.08 22.60
N THR D 141 -45.51 28.97 21.86
CA THR D 141 -44.79 28.84 20.60
C THR D 141 -45.77 28.68 19.45
N ALA D 142 -45.44 29.29 18.31
CA ALA D 142 -46.24 29.23 17.11
C ALA D 142 -45.39 28.73 15.95
N ALA D 143 -46.05 28.15 14.95
CA ALA D 143 -45.37 27.59 13.78
C ALA D 143 -45.93 28.22 12.51
N LEU D 144 -45.02 28.57 11.60
CA LEU D 144 -45.39 29.11 10.30
C LEU D 144 -44.37 28.66 9.29
N GLY D 145 -44.72 28.77 8.01
CA GLY D 145 -43.80 28.38 6.97
C GLY D 145 -44.30 28.82 5.62
N CYS D 146 -43.67 28.28 4.57
CA CYS D 146 -44.15 28.48 3.21
C CYS D 146 -43.98 27.19 2.43
N LEU D 147 -44.96 26.93 1.55
CA LEU D 147 -45.02 25.71 0.73
C LEU D 147 -44.65 26.10 -0.69
N VAL D 148 -43.53 25.57 -1.18
CA VAL D 148 -43.07 25.84 -2.54
C VAL D 148 -43.45 24.62 -3.37
N LYS D 149 -44.37 24.82 -4.31
CA LYS D 149 -45.05 23.72 -4.98
C LYS D 149 -44.76 23.73 -6.47
N ASP D 150 -44.56 22.53 -7.02
CA ASP D 150 -44.58 22.29 -8.47
C ASP D 150 -43.45 23.04 -9.17
N TYR D 151 -42.24 22.49 -8.99
CA TYR D 151 -41.07 23.02 -9.67
C TYR D 151 -40.20 21.86 -10.15
N PHE D 152 -39.37 22.15 -11.15
CA PHE D 152 -38.49 21.15 -11.73
C PHE D 152 -37.41 21.89 -12.51
N PRO D 153 -36.14 21.43 -12.46
CA PRO D 153 -35.62 20.33 -11.65
C PRO D 153 -35.24 20.80 -10.25
N GLU D 154 -34.64 19.91 -9.46
CA GLU D 154 -34.04 20.35 -8.21
C GLU D 154 -32.78 21.16 -8.51
N PRO D 155 -32.34 22.01 -7.57
CA PRO D 155 -32.93 22.28 -6.26
C PRO D 155 -33.59 23.64 -6.15
N VAL D 156 -34.22 23.87 -5.01
CA VAL D 156 -34.61 25.21 -4.56
C VAL D 156 -33.90 25.47 -3.24
N THR D 157 -33.56 26.73 -3.00
CA THR D 157 -33.02 27.16 -1.72
C THR D 157 -34.06 28.01 -1.00
N VAL D 158 -34.07 27.90 0.32
CA VAL D 158 -35.02 28.64 1.16
C VAL D 158 -34.27 29.23 2.35
N SER D 159 -34.45 30.52 2.56
CA SER D 159 -33.97 31.20 3.76
C SER D 159 -35.11 32.03 4.32
N TRP D 160 -34.95 32.48 5.56
CA TRP D 160 -35.97 33.28 6.23
C TRP D 160 -35.38 34.62 6.62
N ASN D 161 -36.13 35.69 6.33
CA ASN D 161 -35.69 37.05 6.59
C ASN D 161 -34.27 37.28 6.06
N SER D 162 -34.07 36.89 4.80
CA SER D 162 -32.80 37.10 4.11
C SER D 162 -31.62 36.63 4.95
N GLY D 163 -31.79 35.47 5.60
CA GLY D 163 -30.73 34.85 6.37
C GLY D 163 -30.68 35.24 7.83
N ALA D 164 -31.44 36.27 8.25
CA ALA D 164 -31.38 36.70 9.64
C ALA D 164 -32.01 35.71 10.59
N LEU D 165 -32.90 34.85 10.11
CA LEU D 165 -33.63 33.90 10.94
C LEU D 165 -33.24 32.49 10.53
N THR D 166 -32.46 31.82 11.38
CA THR D 166 -32.04 30.45 11.16
C THR D 166 -32.42 29.50 12.29
N SER D 167 -32.57 30.00 13.52
CA SER D 167 -32.94 29.14 14.64
C SER D 167 -34.40 28.70 14.50
N GLY D 168 -34.63 27.41 14.77
CA GLY D 168 -35.96 26.85 14.64
C GLY D 168 -36.41 26.57 13.22
N VAL D 169 -35.51 26.72 12.25
CA VAL D 169 -35.86 26.55 10.84
C VAL D 169 -35.70 25.09 10.45
N HIS D 170 -36.75 24.52 9.84
CA HIS D 170 -36.71 23.20 9.24
C HIS D 170 -37.15 23.33 7.78
N THR D 171 -36.24 23.06 6.86
CA THR D 171 -36.57 22.97 5.44
C THR D 171 -36.49 21.51 5.03
N PHE D 172 -37.62 20.95 4.62
CA PHE D 172 -37.74 19.51 4.44
C PHE D 172 -37.21 19.09 3.07
N PRO D 173 -36.80 17.82 2.95
CA PRO D 173 -36.44 17.30 1.62
C PRO D 173 -37.62 17.39 0.67
N ALA D 174 -37.32 17.70 -0.59
CA ALA D 174 -38.36 17.71 -1.60
C ALA D 174 -38.93 16.32 -1.81
N VAL D 175 -40.20 16.27 -2.20
CA VAL D 175 -40.86 15.03 -2.57
C VAL D 175 -41.31 15.14 -4.03
N LEU D 176 -41.23 14.02 -4.74
CA LEU D 176 -41.55 13.99 -6.17
C LEU D 176 -42.99 13.54 -6.34
N GLN D 177 -43.79 14.38 -6.99
CA GLN D 177 -45.21 14.10 -7.22
C GLN D 177 -45.39 13.27 -8.47
N SER D 178 -46.57 12.63 -8.58
CA SER D 178 -46.87 11.85 -9.76
C SER D 178 -46.83 12.70 -11.02
N SER D 179 -47.03 14.01 -10.87
CA SER D 179 -46.94 14.92 -12.00
C SER D 179 -45.55 14.96 -12.61
N GLY D 180 -44.53 14.55 -11.86
CA GLY D 180 -43.15 14.73 -12.26
C GLY D 180 -42.49 15.95 -11.67
N LEU D 181 -43.23 16.78 -10.92
CA LEU D 181 -42.71 17.99 -10.32
C LEU D 181 -42.42 17.76 -8.83
N TYR D 182 -41.56 18.60 -8.28
CA TYR D 182 -41.17 18.51 -6.89
C TYR D 182 -41.97 19.51 -6.04
N SER D 183 -42.03 19.22 -4.75
CA SER D 183 -42.66 20.09 -3.76
C SER D 183 -41.88 19.97 -2.47
N LEU D 184 -41.77 21.07 -1.74
CA LEU D 184 -41.16 21.01 -0.41
C LEU D 184 -41.78 22.08 0.48
N SER D 185 -41.59 21.88 1.78
CA SER D 185 -42.06 22.79 2.81
C SER D 185 -40.88 23.33 3.58
N SER D 186 -40.95 24.60 3.97
CA SER D 186 -40.00 25.20 4.88
C SER D 186 -40.77 25.79 6.06
N VAL D 187 -40.26 25.56 7.27
CA VAL D 187 -40.99 25.82 8.48
C VAL D 187 -40.07 26.43 9.52
N VAL D 188 -40.64 27.26 10.39
CA VAL D 188 -39.93 27.82 11.53
C VAL D 188 -40.89 27.96 12.69
N THR D 189 -40.39 27.76 13.90
CA THR D 189 -41.16 27.97 15.12
C THR D 189 -40.71 29.29 15.77
N VAL D 190 -41.68 30.10 16.16
CA VAL D 190 -41.39 31.41 16.73
C VAL D 190 -42.27 31.65 17.95
N PRO D 191 -41.96 32.65 18.79
CA PRO D 191 -42.87 32.99 19.89
C PRO D 191 -44.19 33.54 19.36
N SER D 192 -45.29 33.09 19.99
CA SER D 192 -46.61 33.59 19.62
C SER D 192 -46.71 35.09 19.89
N SER D 193 -45.97 35.60 20.87
CA SER D 193 -46.00 37.02 21.21
C SER D 193 -45.37 37.89 20.15
N SER D 194 -44.70 37.31 19.15
CA SER D 194 -44.00 38.07 18.12
C SER D 194 -44.70 38.04 16.78
N LEU D 195 -45.96 37.60 16.73
CA LEU D 195 -46.67 37.47 15.46
C LEU D 195 -47.23 38.79 14.95
N GLY D 196 -47.44 39.76 15.82
CA GLY D 196 -47.95 41.05 15.40
C GLY D 196 -46.84 42.04 15.10
N THR D 197 -45.65 41.79 15.65
CA THR D 197 -44.52 42.70 15.52
C THR D 197 -43.56 42.26 14.42
N GLN D 198 -42.92 41.11 14.58
CA GLN D 198 -41.89 40.66 13.66
C GLN D 198 -42.53 40.14 12.36
N THR D 199 -42.02 40.62 11.23
CA THR D 199 -42.47 40.15 9.93
C THR D 199 -41.59 38.97 9.49
N TYR D 200 -42.21 37.99 8.86
CA TYR D 200 -41.53 36.75 8.49
C TYR D 200 -41.61 36.58 6.97
N ILE D 201 -40.45 36.60 6.32
CA ILE D 201 -40.32 36.48 4.88
C ILE D 201 -39.49 35.23 4.59
N CYS D 202 -40.03 34.33 3.77
CA CYS D 202 -39.26 33.20 3.28
C CYS D 202 -38.78 33.51 1.87
N ASN D 203 -37.48 33.36 1.64
CA ASN D 203 -36.84 33.75 0.39
C ASN D 203 -36.54 32.48 -0.41
N VAL D 204 -37.30 32.29 -1.49
CA VAL D 204 -37.18 31.11 -2.34
C VAL D 204 -36.39 31.47 -3.59
N ASN D 205 -35.48 30.58 -3.98
CA ASN D 205 -34.68 30.79 -5.19
C ASN D 205 -34.58 29.47 -5.95
N HIS D 206 -35.10 29.45 -7.17
CA HIS D 206 -35.06 28.29 -8.06
C HIS D 206 -34.23 28.71 -9.28
N LYS D 207 -32.92 28.53 -9.18
CA LYS D 207 -32.04 29.01 -10.24
C LYS D 207 -32.35 28.43 -11.62
N PRO D 208 -32.73 27.16 -11.75
CA PRO D 208 -32.98 26.61 -13.11
C PRO D 208 -33.99 27.40 -13.91
N SER D 209 -34.98 28.03 -13.26
CA SER D 209 -35.98 28.83 -13.95
C SER D 209 -35.83 30.32 -13.69
N ASN D 210 -34.80 30.73 -12.96
CA ASN D 210 -34.57 32.15 -12.66
C ASN D 210 -35.76 32.74 -11.89
N THR D 211 -36.32 31.95 -10.98
CA THR D 211 -37.48 32.34 -10.18
C THR D 211 -37.00 32.63 -8.76
N LYS D 212 -37.11 33.89 -8.35
CA LYS D 212 -36.86 34.30 -6.98
C LYS D 212 -38.13 34.94 -6.42
N VAL D 213 -38.58 34.44 -5.26
CA VAL D 213 -39.82 34.90 -4.64
C VAL D 213 -39.54 35.21 -3.18
N ASP D 214 -40.04 36.37 -2.73
CA ASP D 214 -40.04 36.74 -1.31
C ASP D 214 -41.50 36.79 -0.87
N LYS D 215 -41.88 35.85 0.00
CA LYS D 215 -43.27 35.71 0.42
C LYS D 215 -43.39 36.03 1.90
N LYS D 216 -44.17 37.06 2.22
CA LYS D 216 -44.51 37.38 3.60
C LYS D 216 -45.58 36.43 4.10
N VAL D 217 -45.36 35.85 5.28
CA VAL D 217 -46.30 34.91 5.88
C VAL D 217 -46.90 35.59 7.10
N GLU D 218 -48.17 35.94 7.02
CA GLU D 218 -48.86 36.69 8.05
C GLU D 218 -49.94 35.86 8.73
N PRO D 219 -50.31 36.21 9.96
CA PRO D 219 -51.55 35.66 10.52
C PRO D 219 -52.76 36.15 9.74
N LYS D 220 -53.59 35.21 9.32
CA LYS D 220 -54.76 35.54 8.50
C LYS D 220 -55.83 36.24 9.31
C ACE E 1 -1.95 2.61 -3.99
O ACE E 1 -1.31 2.41 -2.97
CH3 ACE E 1 -3.39 3.06 -3.95
N ASN E 2 -1.44 2.46 -5.21
CA ASN E 2 -0.06 2.03 -5.40
C ASN E 2 0.55 2.69 -6.64
N PRO E 3 1.04 3.93 -6.47
CA PRO E 3 1.70 4.60 -7.59
C PRO E 3 2.96 3.90 -8.06
N ASN E 4 3.58 3.07 -7.22
CA ASN E 4 4.82 2.41 -7.56
C ASN E 4 4.62 1.12 -8.35
N ALA E 5 3.38 0.68 -8.55
CA ALA E 5 3.11 -0.56 -9.25
C ALA E 5 2.99 -0.30 -10.74
N ASN E 6 3.79 -1.05 -11.53
CA ASN E 6 3.74 -0.95 -12.98
C ASN E 6 2.79 -2.01 -13.52
N PRO E 7 1.60 -1.66 -14.00
CA PRO E 7 0.69 -2.69 -14.51
C PRO E 7 1.18 -3.39 -15.76
N ASN E 8 2.19 -2.83 -16.44
CA ASN E 8 2.82 -3.52 -17.57
C ASN E 8 3.81 -4.58 -17.12
N ALA E 9 4.10 -4.67 -15.81
CA ALA E 9 5.07 -5.64 -15.30
C ALA E 9 4.45 -6.49 -14.18
N ASN E 10 3.14 -6.69 -14.22
CA ASN E 10 2.47 -7.55 -13.25
C ASN E 10 2.52 -8.97 -13.77
N PRO E 11 3.34 -9.86 -13.19
CA PRO E 11 3.42 -11.23 -13.72
C PRO E 11 2.15 -12.05 -13.51
N ASN E 12 1.21 -11.59 -12.68
CA ASN E 12 -0.07 -12.27 -12.51
C ASN E 12 -1.01 -12.06 -13.69
N ALA E 13 -0.68 -11.15 -14.60
CA ALA E 13 -1.50 -10.94 -15.80
C ALA E 13 -0.96 -11.79 -16.94
N NH2 E 14 -1.86 -12.46 -17.64
C ACE F 1 1.69 -5.27 0.14
O ACE F 1 1.37 -4.24 0.73
CH3 ACE F 1 3.13 -5.69 0.07
N ASN F 2 0.82 -6.08 -0.46
CA ASN F 2 -0.62 -5.79 -0.48
C ASN F 2 -1.44 -7.05 -0.23
N PRO F 3 -1.65 -7.40 1.05
CA PRO F 3 -2.50 -8.57 1.36
C PRO F 3 -3.98 -8.32 1.12
N ASN F 4 -4.40 -7.04 1.09
CA ASN F 4 -5.78 -6.65 0.83
C ASN F 4 -6.16 -6.74 -0.64
N ALA F 5 -5.20 -6.96 -1.53
CA ALA F 5 -5.47 -7.01 -2.96
C ALA F 5 -5.80 -8.44 -3.37
N ASN F 6 -6.87 -8.59 -4.15
CA ASN F 6 -7.29 -9.90 -4.64
C ASN F 6 -6.84 -10.06 -6.08
N PRO F 7 -5.87 -10.92 -6.38
CA PRO F 7 -5.45 -11.07 -7.78
C PRO F 7 -6.49 -11.71 -8.68
N ASN F 8 -7.53 -12.32 -8.12
CA ASN F 8 -8.62 -12.85 -8.95
C ASN F 8 -9.58 -11.76 -9.42
N ALA F 9 -9.50 -10.56 -8.86
CA ALA F 9 -10.39 -9.46 -9.21
C ALA F 9 -9.59 -8.25 -9.67
N ASN F 10 -8.50 -8.50 -10.39
CA ASN F 10 -7.68 -7.43 -10.94
C ASN F 10 -8.17 -7.11 -12.34
N PRO F 11 -8.85 -5.98 -12.57
CA PRO F 11 -9.36 -5.70 -13.92
C PRO F 11 -8.27 -5.52 -14.96
N ASN F 12 -7.03 -5.30 -14.54
CA ASN F 12 -5.92 -5.13 -15.46
C ASN F 12 -5.30 -6.47 -15.86
N ALA F 13 -5.96 -7.59 -15.56
CA ALA F 13 -5.49 -8.90 -16.00
C ALA F 13 -6.54 -9.54 -16.91
N NH2 F 14 -6.08 -10.35 -17.85
#